data_8XOJ
#
_entry.id   8XOJ
#
_cell.length_a   1.00
_cell.length_b   1.00
_cell.length_c   1.00
_cell.angle_alpha   90.00
_cell.angle_beta   90.00
_cell.angle_gamma   90.00
#
_symmetry.space_group_name_H-M   'P 1'
#
loop_
_entity.id
_entity.type
_entity.pdbx_description
1 polymer 'Guanine nucleotide-binding protein G(q) subunit alpha-q'
2 polymer 'Guanine nucleotide-binding protein G(I)/G(S)/G(T) subunit beta-1'
3 polymer scFv16
4 polymer 'Guanine nucleotide-binding protein G(I)/G(S)/G(O) subunit gamma-2'
5 polymer 'G-protein coupled estrogen receptor 1'
#
loop_
_entity_poly.entity_id
_entity_poly.type
_entity_poly.pdbx_seq_one_letter_code
_entity_poly.pdbx_strand_id
1 'polypeptide(L)'
;MGCTLSAEDKAAVERSKMIEKQLQKDKQVYRRTLRLLLLGADNSGKSTIVKQMRIYHVNGYSEEECKQYKAVVYSNTIQS
IIAIIRAMGRLKIDFGDSARADDARQLFVLAGAAEEGFMTAELAGVIKRLWKDSGVQACFNRSREYQLNDSAAYYLNDLD
RIAQPNYIPTQQDVLRTRVKTSGIFETKFQVDKVNFHMFDVGAQRDERRKWIQCFNDVTAIIFVVDSSDTNRLQEALNDF
DSIWNNRWLRTISVILFLNKQDLLAEKVLAGKSKIEDYFPEFARYTTPEDATPEPGEDPRVTRAKYFIRKEFVDISTASG
DGRHICYPHFTCAVDTENARRIFNDCKDIILQMNLREYNLV
;
A
2 'polypeptide(L)'
;MHHHHHHGSLLQSELDQLRQEAEQLKNQIRDARKACADATLSQITNNIDPVGRIQMRTRRTLRGHLAKIYAMHWGTDSRL
LVSASQDGKLIIWDSYTTNKVHAIPLRSSWVMTCAYAPSGNYVACGGLDNICSIYNLKTREGNVRVSRELAGHTGYLSCC
RFLDDNQIVTSSGDTTCALWDIETGQQTTTFTGHTGDVMSLSLAPDTRLFVSGACDASAKLWDVREGMCRQTFTGHESDI
NAICFFPNGNAFATGSDDATCRLFDLRADQELMTYSHDNIICGITSVSFSKSGRLLLAGYDDFNCNVWDALKADRAGVLA
GHDNRVSCLGVTDDGMAVATGSWDSFLKIWN
;
B
3 'polypeptide(L)'
;VQLVESGGGLVQPGGSRKLSCSASGFAFSSFGMHWVRQAPEKGLEWVAYISSGSGTIYYADTVKGRFTISRDDPKNTLFL
QMTSLRSEDTAMYYCVRSIYYYGSSPFDFWGQGTTLTVSAGGGGSGGGGSGGGGSSDIVMTQATSSVPVTPGESVSISCR
SSKSLLHSNGNTYLYWFLQRPGQSPQLLIYRMSNLASGVPDRFSGSGSGTAFTLTISRLEAEDVGVYYCMQHLEYPLTFG
AGTKLEL
;
E
4 'polypeptide(L)' MASNNTASIAQARKLVEQLKMEANIDRIKVSKAAADLMAYCEAHAKEDPLLTPVPASENPFREKKFFCAIL G
5 'polypeptide(L)'
;MDVTSQARGVGLEMYPGTAQPAAPNTTSPELNLSHPLLGTALANGTGELSEHQQYVIGLFLSCLYTIFLFPIGFVGNILI
LVVNISFREKMTIPDLYFINLAVADLILVADSLIEVFNLHERYYDIAVLCTFMSLFLQVNMYSSVFFLTWMSFDRYIALA
RAMRCSLFRTKHHARLSCGLIWMASVSATLVPFTAVHLQHTDEACFCFADVREVQWLEVTLGFIVPFAIIGLCYSLIVRV
LVRAHRHRGLRPRRQKALRMILAVVLVFFVCWLPENVFISVHLLQRTQPGAAPCKQSFRHAHPLTGHIVNLAAFSNSCLN
PLIYSFLGETFRDKLRLYIEQKTNLPALNRFCHAALKAVIPDSTEQSDVRFSSAV
;
R
#
# COMPACT_ATOMS: atom_id res chain seq x y z
N GLU A 8 8.33 24.62 12.42
CA GLU A 8 9.30 24.42 11.31
C GLU A 8 9.05 23.08 10.63
N ASP A 9 9.42 22.97 9.35
CA ASP A 9 9.11 21.77 8.59
C ASP A 9 9.94 20.58 9.05
N LYS A 10 11.10 20.82 9.66
CA LYS A 10 11.92 19.72 10.14
C LYS A 10 11.18 18.90 11.19
N ALA A 11 10.38 19.56 12.03
CA ALA A 11 9.57 18.83 12.99
C ALA A 11 8.55 17.92 12.29
N ALA A 12 7.93 18.41 11.22
CA ALA A 12 7.02 17.57 10.45
C ALA A 12 7.76 16.39 9.83
N VAL A 13 8.98 16.61 9.35
CA VAL A 13 9.76 15.50 8.80
C VAL A 13 10.04 14.47 9.89
N GLU A 14 10.38 14.92 11.09
CA GLU A 14 10.61 14.00 12.19
C GLU A 14 9.35 13.22 12.52
N ARG A 15 8.19 13.89 12.50
CA ARG A 15 6.93 13.18 12.73
C ARG A 15 6.69 12.12 11.67
N SER A 16 7.00 12.44 10.42
CA SER A 16 6.86 11.45 9.34
C SER A 16 7.79 10.27 9.57
N LYS A 17 9.02 10.53 10.02
CA LYS A 17 9.94 9.44 10.30
C LYS A 17 9.42 8.55 11.43
N MET A 18 8.84 9.15 12.46
CA MET A 18 8.24 8.37 13.54
C MET A 18 7.11 7.50 13.02
N ILE A 19 6.25 8.07 12.16
CA ILE A 19 5.16 7.29 11.59
C ILE A 19 5.70 6.15 10.74
N GLU A 20 6.79 6.40 10.01
CA GLU A 20 7.40 5.34 9.21
C GLU A 20 7.95 4.23 10.08
N LYS A 21 8.57 4.58 11.21
CA LYS A 21 9.04 3.55 12.13
C LYS A 21 7.89 2.71 12.65
N GLN A 22 6.79 3.35 13.01
CA GLN A 22 5.61 2.61 13.46
C GLN A 22 5.10 1.70 12.35
N LEU A 23 5.09 2.20 11.11
CA LEU A 23 4.62 1.39 9.99
C LEU A 23 5.52 0.17 9.78
N GLN A 24 6.83 0.32 9.96
CA GLN A 24 7.72 -0.83 9.87
C GLN A 24 7.43 -1.84 10.97
N LYS A 25 7.24 -1.36 12.20
CA LYS A 25 6.89 -2.26 13.29
C LYS A 25 5.58 -2.98 13.04
N ASP A 26 4.64 -2.35 12.34
CA ASP A 26 3.40 -3.00 11.93
C ASP A 26 3.58 -3.96 10.76
N LYS A 27 4.49 -3.66 9.83
CA LYS A 27 4.78 -4.58 8.75
C LYS A 27 5.39 -5.87 9.26
N GLN A 28 6.20 -5.79 10.31
CA GLN A 28 6.78 -6.98 10.91
C GLN A 28 5.74 -7.89 11.54
N VAL A 29 4.51 -7.42 11.73
CA VAL A 29 3.41 -8.24 12.23
C VAL A 29 2.54 -8.65 11.06
N TYR A 30 2.42 -7.78 10.07
CA TYR A 30 1.63 -8.11 8.89
C TYR A 30 2.24 -9.29 8.14
N ARG A 31 3.56 -9.32 8.01
CA ARG A 31 4.21 -10.37 7.23
C ARG A 31 4.34 -11.69 7.98
N ARG A 32 4.15 -11.70 9.29
CA ARG A 32 4.24 -12.92 10.08
C ARG A 32 2.90 -13.63 10.25
N THR A 33 1.83 -13.06 9.71
CA THR A 33 0.48 -13.59 9.89
C THR A 33 -0.01 -14.21 8.59
N LEU A 34 -0.67 -15.35 8.71
CA LEU A 34 -1.26 -16.05 7.58
C LEU A 34 -2.76 -15.83 7.60
N ARG A 35 -3.31 -15.33 6.49
CA ARG A 35 -4.71 -14.97 6.40
C ARG A 35 -5.46 -16.05 5.62
N LEU A 36 -6.54 -16.55 6.21
CA LEU A 36 -7.35 -17.60 5.62
C LEU A 36 -8.79 -17.12 5.50
N LEU A 37 -9.42 -17.44 4.38
CA LEU A 37 -10.81 -17.07 4.12
C LEU A 37 -11.68 -18.31 4.27
N LEU A 38 -12.70 -18.21 5.12
CA LEU A 38 -13.58 -19.34 5.40
C LEU A 38 -14.88 -19.16 4.63
N LEU A 39 -15.16 -20.08 3.71
CA LEU A 39 -16.35 -20.06 2.88
C LEU A 39 -17.15 -21.33 3.09
N GLY A 40 -18.43 -21.28 2.75
CA GLY A 40 -19.28 -22.45 2.87
C GLY A 40 -20.75 -22.12 3.04
N ALA A 41 -21.62 -23.00 2.55
CA ALA A 41 -23.05 -22.79 2.68
C ALA A 41 -23.47 -22.89 4.14
N ASP A 42 -24.62 -22.29 4.46
CA ASP A 42 -25.11 -22.26 5.83
C ASP A 42 -25.39 -23.64 6.38
N ASN A 43 -25.76 -24.61 5.54
CA ASN A 43 -26.03 -25.96 6.03
C ASN A 43 -24.76 -26.65 6.51
N SER A 44 -23.59 -26.20 6.07
CA SER A 44 -22.34 -26.77 6.53
C SER A 44 -22.09 -26.40 7.99
N GLY A 45 -20.95 -26.85 8.50
CA GLY A 45 -20.59 -26.60 9.88
C GLY A 45 -19.43 -25.64 10.05
N LYS A 46 -19.30 -24.68 9.14
CA LYS A 46 -18.19 -23.72 9.25
C LYS A 46 -18.27 -22.95 10.56
N SER A 47 -19.48 -22.69 11.05
CA SER A 47 -19.61 -22.04 12.35
C SER A 47 -19.03 -22.91 13.46
N THR A 48 -19.33 -24.21 13.43
CA THR A 48 -18.76 -25.12 14.42
C THR A 48 -17.24 -25.20 14.27
N ILE A 49 -16.74 -25.22 13.04
CA ILE A 49 -15.30 -25.28 12.83
C ILE A 49 -14.62 -24.06 13.44
N VAL A 50 -15.15 -22.87 13.16
CA VAL A 50 -14.53 -21.65 13.67
C VAL A 50 -14.66 -21.58 15.19
N LYS A 51 -15.78 -22.06 15.73
CA LYS A 51 -15.92 -22.06 17.19
C LYS A 51 -14.93 -23.02 17.84
N GLN A 52 -14.66 -24.16 17.21
CA GLN A 52 -13.76 -25.15 17.77
C GLN A 52 -12.30 -24.69 17.77
N MET A 53 -11.98 -23.58 17.12
CA MET A 53 -10.62 -23.03 17.11
C MET A 53 -10.35 -22.39 18.47
N ARG A 54 -9.98 -23.24 19.43
CA ARG A 54 -9.62 -22.80 20.77
C ARG A 54 -8.14 -22.40 20.81
N ILE A 55 -7.81 -21.44 19.94
CA ILE A 55 -6.44 -20.96 19.76
C ILE A 55 -5.45 -22.12 19.82
N THR A 181 -25.55 -8.06 10.74
CA THR A 181 -25.33 -6.79 10.07
C THR A 181 -23.88 -6.35 10.21
N SER A 182 -23.11 -7.05 11.05
CA SER A 182 -21.73 -6.68 11.32
C SER A 182 -20.80 -7.03 10.16
N GLY A 183 -21.19 -7.93 9.27
CA GLY A 183 -20.36 -8.23 8.12
C GLY A 183 -19.24 -9.22 8.39
N ILE A 184 -17.99 -8.74 8.29
CA ILE A 184 -16.86 -9.62 8.48
C ILE A 184 -16.79 -10.10 9.92
N PHE A 185 -16.51 -11.39 10.09
CA PHE A 185 -16.18 -11.98 11.38
C PHE A 185 -14.78 -12.56 11.31
N GLU A 186 -13.94 -12.20 12.30
CA GLU A 186 -12.54 -12.60 12.31
C GLU A 186 -12.27 -13.49 13.51
N THR A 187 -11.52 -14.57 13.33
CA THR A 187 -11.09 -15.46 14.40
C THR A 187 -9.59 -15.68 14.27
N LYS A 188 -8.87 -15.52 15.38
CA LYS A 188 -7.42 -15.69 15.41
C LYS A 188 -7.07 -16.90 16.25
N PHE A 189 -6.17 -17.74 15.72
CA PHE A 189 -5.69 -18.91 16.43
C PHE A 189 -4.22 -19.11 16.08
N GLN A 190 -3.51 -19.82 16.94
CA GLN A 190 -2.08 -20.03 16.79
C GLN A 190 -1.78 -21.52 16.85
N VAL A 191 -0.95 -21.99 15.92
CA VAL A 191 -0.48 -23.37 15.89
C VAL A 191 1.03 -23.35 15.68
N ASP A 192 1.76 -23.99 16.57
CA ASP A 192 3.22 -24.05 16.48
C ASP A 192 3.82 -22.66 16.32
N LYS A 193 3.27 -21.70 17.05
CA LYS A 193 3.81 -20.34 17.12
C LYS A 193 3.80 -19.63 15.76
N VAL A 194 2.79 -19.91 14.94
CA VAL A 194 2.51 -19.10 13.76
C VAL A 194 1.04 -18.69 13.82
N ASN A 195 0.79 -17.42 13.51
CA ASN A 195 -0.51 -16.80 13.74
C ASN A 195 -1.38 -16.92 12.49
N PHE A 196 -2.63 -17.28 12.68
CA PHE A 196 -3.61 -17.42 11.60
C PHE A 196 -4.77 -16.47 11.83
N HIS A 197 -5.23 -15.85 10.75
CA HIS A 197 -6.44 -15.02 10.76
C HIS A 197 -7.45 -15.67 9.84
N MET A 198 -8.62 -16.02 10.39
CA MET A 198 -9.66 -16.73 9.66
C MET A 198 -10.87 -15.81 9.54
N PHE A 199 -11.13 -15.34 8.32
CA PHE A 199 -12.20 -14.38 8.09
C PHE A 199 -13.44 -15.09 7.57
N ASP A 200 -14.54 -14.95 8.29
CA ASP A 200 -15.84 -15.46 7.87
C ASP A 200 -16.71 -14.28 7.47
N VAL A 201 -17.17 -14.29 6.22
CA VAL A 201 -17.95 -13.19 5.67
C VAL A 201 -19.41 -13.48 5.98
N GLY A 202 -19.85 -13.06 7.16
CA GLY A 202 -21.18 -13.39 7.63
C GLY A 202 -22.32 -12.69 6.93
N ALA A 203 -22.41 -11.36 7.11
CA ALA A 203 -23.59 -10.61 6.68
C ALA A 203 -23.32 -9.85 5.37
N GLN A 204 -23.44 -10.57 4.27
CA GLN A 204 -23.41 -9.99 2.94
C GLN A 204 -24.56 -10.56 2.11
N ARG A 205 -24.72 -10.01 0.91
CA ARG A 205 -25.72 -10.52 -0.02
C ARG A 205 -25.25 -11.86 -0.59
N ASP A 206 -26.20 -12.60 -1.18
CA ASP A 206 -25.89 -13.93 -1.68
C ASP A 206 -24.80 -13.91 -2.74
N GLU A 207 -24.77 -12.87 -3.57
CA GLU A 207 -23.76 -12.78 -4.61
C GLU A 207 -22.43 -12.32 -4.03
N ARG A 208 -21.35 -12.98 -4.47
CA ARG A 208 -20.00 -12.64 -4.01
C ARG A 208 -19.07 -12.26 -5.15
N ARG A 209 -19.61 -11.83 -6.29
CA ARG A 209 -18.80 -11.54 -7.46
C ARG A 209 -17.78 -10.43 -7.18
N LYS A 210 -18.16 -9.46 -6.34
CA LYS A 210 -17.38 -8.24 -6.18
C LYS A 210 -16.56 -8.19 -4.90
N TRP A 211 -17.14 -8.56 -3.76
CA TRP A 211 -16.42 -8.41 -2.51
C TRP A 211 -15.31 -9.45 -2.36
N ILE A 212 -15.31 -10.47 -3.23
CA ILE A 212 -14.28 -11.50 -3.14
C ILE A 212 -12.99 -11.10 -3.82
N GLN A 213 -12.99 -10.02 -4.60
CA GLN A 213 -11.74 -9.54 -5.17
C GLN A 213 -10.83 -8.94 -4.11
N CYS A 214 -11.39 -8.52 -2.97
CA CYS A 214 -10.57 -8.02 -1.87
C CYS A 214 -9.71 -9.12 -1.29
N PHE A 215 -10.25 -10.34 -1.22
CA PHE A 215 -9.55 -11.47 -0.61
C PHE A 215 -8.53 -12.10 -1.53
N ASN A 216 -8.13 -11.41 -2.59
CA ASN A 216 -6.95 -11.81 -3.33
C ASN A 216 -5.72 -11.68 -2.42
N ASP A 217 -4.76 -12.57 -2.63
CA ASP A 217 -3.48 -12.64 -1.90
C ASP A 217 -3.62 -13.25 -0.52
N VAL A 218 -4.75 -13.87 -0.20
CA VAL A 218 -4.84 -14.63 1.04
C VAL A 218 -4.05 -15.93 0.89
N THR A 219 -3.61 -16.47 2.02
CA THR A 219 -2.80 -17.68 1.99
C THR A 219 -3.59 -18.85 1.41
N ALA A 220 -4.85 -19.00 1.81
CA ALA A 220 -5.67 -20.09 1.34
C ALA A 220 -7.14 -19.77 1.58
N ILE A 221 -8.00 -20.51 0.89
CA ILE A 221 -9.45 -20.42 1.08
C ILE A 221 -9.93 -21.73 1.68
N ILE A 222 -10.59 -21.66 2.81
CA ILE A 222 -11.09 -22.85 3.50
C ILE A 222 -12.55 -23.02 3.12
N PHE A 223 -12.83 -23.95 2.20
CA PHE A 223 -14.17 -24.20 1.72
C PHE A 223 -14.74 -25.39 2.47
N VAL A 224 -15.95 -25.23 3.01
CA VAL A 224 -16.60 -26.23 3.85
C VAL A 224 -17.90 -26.65 3.19
N VAL A 225 -18.12 -27.96 3.10
CA VAL A 225 -19.33 -28.51 2.50
C VAL A 225 -19.88 -29.59 3.43
N ASP A 226 -21.22 -29.65 3.51
CA ASP A 226 -21.89 -30.70 4.28
C ASP A 226 -21.99 -31.93 3.40
N SER A 227 -21.02 -32.84 3.55
CA SER A 227 -20.98 -34.04 2.72
C SER A 227 -22.17 -34.96 2.94
N SER A 228 -22.85 -34.86 4.08
CA SER A 228 -24.01 -35.68 4.34
C SER A 228 -25.26 -35.17 3.64
N ASP A 229 -25.21 -33.99 3.04
CA ASP A 229 -26.36 -33.41 2.36
C ASP A 229 -25.91 -32.64 1.12
N ASN A 231 -30.15 -33.89 -2.26
CA ASN A 231 -28.89 -33.45 -1.67
C ASN A 231 -28.53 -32.05 -2.14
N ARG A 232 -28.06 -31.23 -1.21
CA ARG A 232 -27.54 -29.91 -1.55
C ARG A 232 -26.17 -29.96 -2.18
N LEU A 233 -25.61 -31.17 -2.38
CA LEU A 233 -24.22 -31.28 -2.80
C LEU A 233 -24.00 -30.68 -4.19
N GLN A 234 -25.03 -30.65 -5.03
CA GLN A 234 -24.85 -30.10 -6.36
C GLN A 234 -24.68 -28.57 -6.31
N GLU A 235 -25.44 -27.89 -5.45
CA GLU A 235 -25.23 -26.46 -5.26
C GLU A 235 -23.83 -26.19 -4.72
N ALA A 236 -23.36 -27.03 -3.79
CA ALA A 236 -22.00 -26.89 -3.30
C ALA A 236 -20.99 -27.09 -4.42
N LEU A 237 -21.23 -28.06 -5.29
CA LEU A 237 -20.35 -28.29 -6.43
C LEU A 237 -20.28 -27.05 -7.32
N ASN A 238 -21.44 -26.47 -7.61
CA ASN A 238 -21.48 -25.27 -8.46
C ASN A 238 -20.77 -24.11 -7.79
N ASP A 239 -20.96 -23.92 -6.48
CA ASP A 239 -20.29 -22.85 -5.77
C ASP A 239 -18.78 -23.03 -5.80
N PHE A 240 -18.32 -24.27 -5.57
CA PHE A 240 -16.89 -24.52 -5.60
C PHE A 240 -16.32 -24.32 -7.01
N ASP A 241 -17.09 -24.69 -8.03
CA ASP A 241 -16.67 -24.42 -9.40
C ASP A 241 -16.53 -22.93 -9.64
N SER A 242 -17.48 -22.14 -9.15
CA SER A 242 -17.41 -20.69 -9.32
C SER A 242 -16.21 -20.09 -8.60
N ILE A 243 -15.93 -20.54 -7.38
CA ILE A 243 -14.77 -20.02 -6.65
C ILE A 243 -13.48 -20.44 -7.33
N TRP A 244 -13.38 -21.70 -7.72
CA TRP A 244 -12.14 -22.20 -8.33
C TRP A 244 -11.82 -21.47 -9.62
N ASN A 245 -12.83 -21.32 -10.49
CA ASN A 245 -12.65 -20.68 -11.79
C ASN A 245 -12.93 -19.19 -11.70
N ASN A 246 -12.26 -18.50 -10.79
CA ASN A 246 -12.44 -17.07 -10.57
C ASN A 246 -11.18 -16.34 -11.02
N ARG A 247 -11.37 -15.21 -11.70
CA ARG A 247 -10.24 -14.49 -12.27
C ARG A 247 -9.27 -14.04 -11.19
N TRP A 248 -9.79 -13.52 -10.08
CA TRP A 248 -8.96 -12.94 -9.04
C TRP A 248 -8.45 -13.96 -8.03
N LEU A 249 -8.91 -15.21 -8.11
CA LEU A 249 -8.48 -16.27 -7.22
C LEU A 249 -7.86 -17.43 -7.98
N ARG A 250 -7.03 -17.12 -8.98
CA ARG A 250 -6.39 -18.15 -9.78
C ARG A 250 -5.04 -18.56 -9.25
N THR A 251 -4.56 -17.94 -8.16
CA THR A 251 -3.36 -18.37 -7.47
C THR A 251 -3.61 -18.71 -6.02
N ILE A 252 -4.87 -18.80 -5.59
CA ILE A 252 -5.22 -19.03 -4.20
C ILE A 252 -5.59 -20.50 -4.04
N SER A 253 -4.76 -21.24 -3.29
CA SER A 253 -5.04 -22.64 -3.03
C SER A 253 -6.25 -22.78 -2.12
N VAL A 254 -6.98 -23.86 -2.31
CA VAL A 254 -8.22 -24.13 -1.58
C VAL A 254 -8.00 -25.30 -0.65
N ILE A 255 -8.40 -25.16 0.61
CA ILE A 255 -8.43 -26.25 1.58
C ILE A 255 -9.88 -26.66 1.75
N LEU A 256 -10.21 -27.87 1.32
CA LEU A 256 -11.60 -28.32 1.23
C LEU A 256 -11.89 -29.24 2.41
N PHE A 257 -12.78 -28.79 3.30
CA PHE A 257 -13.21 -29.59 4.45
C PHE A 257 -14.57 -30.20 4.11
N LEU A 258 -14.60 -31.52 3.84
CA LEU A 258 -15.85 -32.23 3.62
C LEU A 258 -16.34 -32.45 5.03
N ASN A 259 -17.08 -31.50 5.60
CA ASN A 259 -17.58 -31.58 6.95
C ASN A 259 -18.76 -32.52 7.14
N LYS A 260 -19.06 -32.85 8.38
CA LYS A 260 -20.21 -33.70 8.73
C LYS A 260 -20.10 -35.07 8.08
N GLN A 261 -18.91 -35.66 8.07
CA GLN A 261 -18.74 -36.99 7.50
C GLN A 261 -19.41 -38.06 8.34
N ASP A 262 -19.43 -37.89 9.66
CA ASP A 262 -20.09 -38.88 10.51
C ASP A 262 -21.57 -38.99 10.17
N LEU A 263 -22.20 -37.86 9.85
CA LEU A 263 -23.60 -37.91 9.41
C LEU A 263 -23.75 -38.69 8.12
N LEU A 264 -22.81 -38.53 7.18
CA LEU A 264 -22.86 -39.30 5.95
C LEU A 264 -22.71 -40.79 6.25
N ALA A 265 -21.80 -41.14 7.16
CA ALA A 265 -21.62 -42.54 7.53
C ALA A 265 -22.89 -43.11 8.13
N GLU A 266 -23.54 -42.35 9.01
CA GLU A 266 -24.81 -42.81 9.57
C GLU A 266 -25.86 -42.97 8.50
N LYS A 267 -25.92 -42.03 7.55
CA LYS A 267 -26.90 -42.09 6.48
C LYS A 267 -26.69 -43.33 5.62
N VAL A 268 -25.43 -43.64 5.30
CA VAL A 268 -25.13 -44.80 4.48
C VAL A 268 -25.43 -46.09 5.24
N LEU A 269 -25.07 -46.14 6.52
CA LEU A 269 -25.35 -47.33 7.32
C LEU A 269 -26.84 -47.59 7.43
N ALA A 270 -27.63 -46.53 7.64
CA ALA A 270 -29.08 -46.70 7.67
C ALA A 270 -29.63 -47.12 6.32
N GLY A 271 -29.04 -46.63 5.23
CA GLY A 271 -29.53 -46.97 3.91
C GLY A 271 -30.91 -46.44 3.60
N LYS A 272 -31.36 -45.38 4.26
CA LYS A 272 -32.70 -44.87 4.03
C LYS A 272 -32.85 -44.27 2.63
N SER A 273 -31.81 -43.60 2.13
CA SER A 273 -31.85 -43.01 0.80
C SER A 273 -30.58 -43.36 0.05
N LYS A 274 -30.68 -43.44 -1.27
CA LYS A 274 -29.58 -43.84 -2.13
C LYS A 274 -28.97 -42.60 -2.76
N ILE A 275 -27.64 -42.47 -2.66
CA ILE A 275 -26.95 -41.34 -3.28
C ILE A 275 -27.07 -41.41 -4.80
N GLU A 276 -27.29 -42.61 -5.34
CA GLU A 276 -27.33 -42.77 -6.79
C GLU A 276 -28.44 -41.95 -7.43
N ASP A 277 -29.55 -41.75 -6.72
CA ASP A 277 -30.67 -41.02 -7.30
C ASP A 277 -30.28 -39.60 -7.67
N TYR A 278 -29.56 -38.93 -6.77
CA TYR A 278 -29.13 -37.56 -7.04
C TYR A 278 -27.93 -37.52 -7.98
N PHE A 279 -27.01 -38.47 -7.84
CA PHE A 279 -25.83 -38.55 -8.70
C PHE A 279 -25.82 -39.88 -9.42
N PRO A 280 -26.21 -39.94 -10.70
CA PRO A 280 -26.25 -41.24 -11.39
C PRO A 280 -24.90 -41.91 -11.53
N GLU A 281 -23.80 -41.15 -11.46
CA GLU A 281 -22.48 -41.75 -11.67
C GLU A 281 -22.15 -42.79 -10.61
N PHE A 282 -22.69 -42.63 -9.40
CA PHE A 282 -22.37 -43.54 -8.31
C PHE A 282 -22.78 -44.97 -8.61
N ALA A 283 -23.75 -45.18 -9.50
CA ALA A 283 -24.18 -46.54 -9.82
C ALA A 283 -23.04 -47.35 -10.43
N ARG A 284 -22.09 -46.71 -11.10
CA ARG A 284 -20.97 -47.40 -11.72
C ARG A 284 -19.62 -47.04 -11.12
N TYR A 285 -19.56 -46.20 -10.11
CA TYR A 285 -18.28 -45.87 -9.49
C TYR A 285 -17.80 -47.01 -8.61
N THR A 286 -16.48 -47.20 -8.58
CA THR A 286 -15.84 -48.20 -7.75
C THR A 286 -14.65 -47.59 -7.03
N THR A 287 -14.47 -47.95 -5.77
CA THR A 287 -13.42 -47.35 -4.96
C THR A 287 -12.05 -47.68 -5.57
N PRO A 288 -11.10 -46.75 -5.50
CA PRO A 288 -9.77 -47.01 -6.09
C PRO A 288 -8.88 -47.81 -5.16
N GLU A 289 -7.83 -48.39 -5.76
CA GLU A 289 -6.85 -49.15 -4.99
C GLU A 289 -5.90 -48.26 -4.21
N ASP A 290 -5.66 -47.04 -4.66
CA ASP A 290 -4.79 -46.10 -3.96
C ASP A 290 -5.48 -45.46 -2.76
N ALA A 291 -6.64 -45.95 -2.36
CA ALA A 291 -7.37 -45.36 -1.24
C ALA A 291 -6.60 -45.57 0.06
N THR A 292 -6.96 -44.78 1.06
CA THR A 292 -6.40 -44.88 2.42
C THR A 292 -7.55 -44.97 3.40
N PRO A 293 -8.31 -46.07 3.37
CA PRO A 293 -9.50 -46.16 4.21
C PRO A 293 -9.16 -46.07 5.70
N GLU A 294 -9.98 -45.34 6.43
CA GLU A 294 -9.81 -45.28 7.87
C GLU A 294 -10.11 -46.65 8.48
N PRO A 295 -9.30 -47.14 9.42
CA PRO A 295 -9.60 -48.43 10.03
C PRO A 295 -10.98 -48.43 10.65
N GLY A 296 -11.70 -49.53 10.47
CA GLY A 296 -13.07 -49.63 10.96
C GLY A 296 -14.01 -48.75 10.16
N GLU A 297 -14.16 -49.03 8.88
CA GLU A 297 -15.02 -48.23 8.00
C GLU A 297 -15.85 -49.19 7.15
N ASP A 298 -17.13 -48.89 7.02
CA ASP A 298 -18.01 -49.66 6.13
C ASP A 298 -17.58 -49.43 4.69
N PRO A 299 -17.42 -50.49 3.88
CA PRO A 299 -16.96 -50.27 2.49
C PRO A 299 -17.85 -49.33 1.70
N ARG A 300 -19.18 -49.39 1.91
CA ARG A 300 -20.06 -48.47 1.22
C ARG A 300 -19.81 -47.03 1.66
N VAL A 301 -19.54 -46.82 2.94
CA VAL A 301 -19.18 -45.47 3.41
C VAL A 301 -17.91 -45.00 2.71
N THR A 302 -16.91 -45.87 2.58
CA THR A 302 -15.69 -45.51 1.88
C THR A 302 -15.99 -45.12 0.44
N ARG A 303 -16.81 -45.92 -0.25
CA ARG A 303 -17.14 -45.62 -1.63
C ARG A 303 -17.83 -44.27 -1.74
N ALA A 304 -18.81 -44.01 -0.87
CA ALA A 304 -19.56 -42.77 -0.95
C ALA A 304 -18.66 -41.57 -0.69
N LYS A 305 -17.87 -41.63 0.39
CA LYS A 305 -17.02 -40.49 0.73
C LYS A 305 -15.97 -40.24 -0.34
N TYR A 306 -15.40 -41.30 -0.90
CA TYR A 306 -14.40 -41.11 -1.94
C TYR A 306 -15.03 -40.62 -3.24
N PHE A 307 -16.27 -41.02 -3.54
CA PHE A 307 -16.97 -40.46 -4.69
C PHE A 307 -17.20 -38.96 -4.51
N ILE A 308 -17.63 -38.56 -3.32
CA ILE A 308 -17.89 -37.15 -3.07
C ILE A 308 -16.59 -36.35 -3.14
N ARG A 309 -15.50 -36.90 -2.60
CA ARG A 309 -14.20 -36.26 -2.75
C ARG A 309 -13.80 -36.17 -4.22
N LYS A 310 -14.11 -37.23 -4.99
CA LYS A 310 -13.78 -37.26 -6.40
C LYS A 310 -14.48 -36.15 -7.16
N GLU A 311 -15.73 -35.86 -6.80
CA GLU A 311 -16.43 -34.75 -7.48
C GLU A 311 -15.60 -33.47 -7.39
N PHE A 312 -15.20 -33.09 -6.18
CA PHE A 312 -14.51 -31.81 -6.00
C PHE A 312 -13.10 -31.85 -6.60
N VAL A 313 -12.38 -32.96 -6.43
CA VAL A 313 -11.04 -32.99 -6.99
C VAL A 313 -11.07 -33.00 -8.51
N ASP A 314 -12.07 -33.64 -9.11
CA ASP A 314 -12.23 -33.57 -10.56
C ASP A 314 -12.54 -32.15 -11.01
N ILE A 315 -13.42 -31.46 -10.28
CA ILE A 315 -13.69 -30.06 -10.61
C ILE A 315 -12.40 -29.24 -10.56
N SER A 316 -11.57 -29.47 -9.55
CA SER A 316 -10.35 -28.69 -9.38
C SER A 316 -9.35 -29.00 -10.49
N THR A 317 -9.11 -30.28 -10.74
CA THR A 317 -8.06 -30.67 -11.69
C THR A 317 -8.46 -30.38 -13.13
N ALA A 318 -9.75 -30.46 -13.44
CA ALA A 318 -10.20 -30.31 -14.82
C ALA A 318 -10.28 -28.87 -15.28
N SER A 319 -9.98 -27.91 -14.41
CA SER A 319 -10.10 -26.49 -14.77
C SER A 319 -8.87 -25.65 -14.47
N GLY A 320 -7.88 -26.16 -13.76
CA GLY A 320 -6.69 -25.38 -13.45
C GLY A 320 -5.57 -26.23 -12.89
N ASP A 321 -4.33 -25.81 -13.10
CA ASP A 321 -3.18 -26.59 -12.67
C ASP A 321 -2.01 -25.67 -12.34
N GLY A 322 -1.10 -26.19 -11.52
CA GLY A 322 0.14 -25.49 -11.23
C GLY A 322 -0.02 -24.28 -10.33
N ARG A 323 -0.83 -23.31 -10.77
CA ARG A 323 -0.93 -22.05 -10.05
C ARG A 323 -1.48 -22.25 -8.64
N HIS A 324 -2.51 -23.08 -8.49
CA HIS A 324 -3.10 -23.31 -7.19
C HIS A 324 -3.59 -24.75 -7.12
N ILE A 325 -3.70 -25.26 -5.89
CA ILE A 325 -3.98 -26.66 -5.63
C ILE A 325 -5.14 -26.77 -4.66
N CYS A 326 -5.78 -27.93 -4.63
CA CYS A 326 -6.86 -28.24 -3.71
C CYS A 326 -6.41 -29.33 -2.76
N TYR A 327 -6.78 -29.21 -1.48
CA TYR A 327 -6.37 -30.14 -0.43
C TYR A 327 -7.61 -30.72 0.23
N PRO A 328 -8.21 -31.77 -0.32
CA PRO A 328 -9.40 -32.34 0.30
C PRO A 328 -9.11 -32.92 1.68
N HIS A 329 -10.11 -32.87 2.55
CA HIS A 329 -10.01 -33.43 3.89
C HIS A 329 -11.38 -33.87 4.36
N PHE A 330 -11.43 -35.02 5.02
CA PHE A 330 -12.65 -35.48 5.66
C PHE A 330 -12.59 -35.12 7.15
N THR A 331 -13.65 -34.50 7.64
CA THR A 331 -13.66 -34.01 9.01
C THR A 331 -15.07 -34.05 9.56
N CYS A 332 -15.16 -33.92 10.89
CA CYS A 332 -16.42 -33.85 11.60
C CYS A 332 -16.34 -32.72 12.62
N ALA A 333 -17.51 -32.21 13.03
CA ALA A 333 -17.55 -31.12 13.98
C ALA A 333 -16.86 -31.47 15.30
N VAL A 334 -16.90 -32.74 15.71
CA VAL A 334 -16.28 -33.13 16.97
C VAL A 334 -14.76 -33.12 16.87
N ASP A 335 -14.20 -33.08 15.66
CA ASP A 335 -12.76 -33.20 15.49
C ASP A 335 -12.03 -32.01 16.09
N THR A 336 -10.82 -32.28 16.61
CA THR A 336 -9.94 -31.24 17.12
C THR A 336 -8.67 -31.08 16.29
N GLU A 337 -8.57 -31.78 15.16
CA GLU A 337 -7.36 -31.73 14.34
C GLU A 337 -7.47 -30.77 13.17
N ASN A 338 -8.56 -30.00 13.08
CA ASN A 338 -8.73 -29.09 11.95
C ASN A 338 -7.63 -28.04 11.93
N ALA A 339 -7.21 -27.57 13.11
CA ALA A 339 -6.12 -26.61 13.16
C ALA A 339 -4.84 -27.22 12.59
N ARG A 340 -4.55 -28.47 12.94
CA ARG A 340 -3.35 -29.12 12.39
C ARG A 340 -3.47 -29.31 10.88
N ARG A 341 -4.65 -29.70 10.40
CA ARG A 341 -4.86 -29.82 8.96
C ARG A 341 -4.57 -28.51 8.26
N ILE A 342 -5.12 -27.41 8.78
CA ILE A 342 -4.93 -26.10 8.18
C ILE A 342 -3.45 -25.72 8.22
N PHE A 343 -2.78 -26.01 9.33
CA PHE A 343 -1.38 -25.65 9.46
C PHE A 343 -0.52 -26.39 8.44
N ASN A 344 -0.75 -27.70 8.29
CA ASN A 344 0.02 -28.47 7.32
C ASN A 344 -0.25 -28.00 5.90
N ASP A 345 -1.52 -27.77 5.54
CA ASP A 345 -1.83 -27.33 4.20
C ASP A 345 -1.24 -25.96 3.91
N CYS A 346 -1.29 -25.05 4.89
CA CYS A 346 -0.68 -23.74 4.70
C CYS A 346 0.83 -23.84 4.57
N LYS A 347 1.45 -24.72 5.36
CA LYS A 347 2.89 -24.95 5.24
C LYS A 347 3.24 -25.36 3.81
N ASP A 348 2.49 -26.33 3.27
CA ASP A 348 2.77 -26.75 1.90
C ASP A 348 2.50 -25.62 0.90
N ILE A 349 1.47 -24.82 1.16
CA ILE A 349 1.13 -23.75 0.23
C ILE A 349 2.26 -22.72 0.16
N ILE A 350 2.79 -22.31 1.31
CA ILE A 350 3.90 -21.36 1.25
C ILE A 350 5.18 -22.03 0.77
N LEU A 351 5.34 -23.33 0.99
CA LEU A 351 6.46 -24.03 0.38
C LEU A 351 6.42 -23.91 -1.14
N GLN A 352 5.24 -24.16 -1.72
CA GLN A 352 5.10 -24.02 -3.17
C GLN A 352 5.29 -22.59 -3.62
N MET A 353 4.78 -21.63 -2.84
CA MET A 353 4.95 -20.23 -3.19
C MET A 353 6.43 -19.85 -3.24
N ASN A 354 7.20 -20.27 -2.23
CA ASN A 354 8.63 -20.00 -2.22
C ASN A 354 9.34 -20.74 -3.34
N LEU A 355 8.91 -21.97 -3.63
CA LEU A 355 9.51 -22.74 -4.71
C LEU A 355 9.34 -22.03 -6.04
N ARG A 356 8.16 -21.48 -6.30
CA ARG A 356 7.95 -20.68 -7.49
C ARG A 356 8.79 -19.41 -7.45
N GLU A 357 8.85 -18.75 -6.29
CA GLU A 357 9.59 -17.51 -6.17
C GLU A 357 11.07 -17.70 -6.47
N TYR A 358 11.61 -18.87 -6.16
CA TYR A 358 13.03 -19.15 -6.32
C TYR A 358 13.35 -19.85 -7.62
N ASN A 359 12.41 -19.91 -8.56
CA ASN A 359 12.64 -20.44 -9.90
C ASN A 359 12.94 -21.93 -9.90
N LEU A 360 12.51 -22.65 -8.86
CA LEU A 360 12.67 -24.10 -8.83
C LEU A 360 11.51 -24.84 -9.45
N VAL A 361 10.42 -24.17 -9.79
CA VAL A 361 9.31 -24.78 -10.49
C VAL A 361 8.65 -23.76 -11.41
N GLU B 14 -53.32 -9.11 -12.19
CA GLU B 14 -52.84 -7.70 -12.13
C GLU B 14 -51.38 -7.59 -12.55
N LEU B 15 -50.60 -8.64 -12.29
CA LEU B 15 -49.19 -8.61 -12.61
C LEU B 15 -48.97 -8.44 -14.11
N ASP B 16 -49.74 -9.15 -14.93
CA ASP B 16 -49.59 -9.04 -16.37
C ASP B 16 -49.88 -7.63 -16.85
N GLN B 17 -50.94 -7.02 -16.31
CA GLN B 17 -51.27 -5.64 -16.70
C GLN B 17 -50.18 -4.67 -16.30
N LEU B 18 -49.61 -4.85 -15.10
CA LEU B 18 -48.55 -3.95 -14.67
C LEU B 18 -47.28 -4.13 -15.50
N ARG B 19 -46.96 -5.37 -15.87
CA ARG B 19 -45.83 -5.59 -16.77
C ARG B 19 -46.09 -4.94 -18.12
N GLN B 20 -47.32 -5.03 -18.62
CA GLN B 20 -47.66 -4.38 -19.89
C GLN B 20 -47.47 -2.88 -19.79
N GLU B 21 -47.94 -2.28 -18.69
CA GLU B 21 -47.76 -0.85 -18.51
C GLU B 21 -46.28 -0.48 -18.40
N ALA B 22 -45.50 -1.31 -17.70
CA ALA B 22 -44.08 -1.05 -17.57
C ALA B 22 -43.38 -1.05 -18.93
N GLU B 23 -43.70 -2.05 -19.76
CA GLU B 23 -43.08 -2.11 -21.09
C GLU B 23 -43.57 -0.95 -21.96
N GLN B 24 -44.83 -0.53 -21.78
CA GLN B 24 -45.32 0.62 -22.52
C GLN B 24 -44.53 1.88 -22.16
N LEU B 25 -44.32 2.10 -20.86
CA LEU B 25 -43.56 3.27 -20.42
C LEU B 25 -42.11 3.18 -20.87
N LYS B 26 -41.52 1.98 -20.83
CA LYS B 26 -40.15 1.82 -21.31
C LYS B 26 -40.05 2.14 -22.79
N ASN B 27 -41.01 1.67 -23.59
CA ASN B 27 -41.01 1.98 -25.01
C ASN B 27 -41.17 3.48 -25.24
N GLN B 28 -42.03 4.12 -24.47
CA GLN B 28 -42.22 5.57 -24.60
C GLN B 28 -40.92 6.30 -24.28
N ILE B 29 -40.24 5.91 -23.20
CA ILE B 29 -38.99 6.58 -22.82
C ILE B 29 -37.94 6.37 -23.90
N ARG B 30 -37.82 5.14 -24.41
CA ARG B 30 -36.84 4.87 -25.45
C ARG B 30 -37.13 5.67 -26.71
N ASP B 31 -38.41 5.78 -27.09
CA ASP B 31 -38.77 6.54 -28.27
C ASP B 31 -38.47 8.03 -28.07
N ALA B 32 -38.74 8.56 -26.88
CA ALA B 32 -38.41 9.96 -26.61
C ALA B 32 -36.91 10.19 -26.70
N ARG B 33 -36.11 9.29 -26.13
CA ARG B 33 -34.66 9.43 -26.21
C ARG B 33 -34.18 9.35 -27.65
N LYS B 34 -34.77 8.44 -28.43
CA LYS B 34 -34.43 8.36 -29.85
C LYS B 34 -34.77 9.65 -30.57
N ALA B 35 -35.94 10.21 -30.29
CA ALA B 35 -36.35 11.45 -30.95
C ALA B 35 -35.42 12.60 -30.58
N CYS B 36 -34.95 12.65 -29.34
CA CYS B 36 -34.03 13.70 -28.92
C CYS B 36 -32.62 13.52 -29.45
N ALA B 37 -32.33 12.37 -30.08
CA ALA B 37 -31.01 12.11 -30.64
C ALA B 37 -30.87 12.61 -32.08
N ASP B 38 -31.01 13.91 -32.30
CA ASP B 38 -30.90 14.47 -33.63
C ASP B 38 -29.47 14.73 -34.05
N ALA B 39 -28.50 14.52 -33.16
CA ALA B 39 -27.09 14.72 -33.49
C ALA B 39 -26.26 13.85 -32.55
N THR B 40 -24.94 13.88 -32.75
CA THR B 40 -24.01 13.15 -31.92
C THR B 40 -22.87 14.08 -31.52
N LEU B 41 -22.36 13.86 -30.30
CA LEU B 41 -21.24 14.67 -29.82
C LEU B 41 -20.02 14.51 -30.71
N SER B 42 -19.76 13.28 -31.17
CA SER B 42 -18.63 13.07 -32.07
C SER B 42 -18.80 13.86 -33.35
N GLN B 43 -20.01 13.87 -33.92
CA GLN B 43 -20.27 14.66 -35.12
C GLN B 43 -20.05 16.14 -34.85
N ILE B 44 -20.53 16.63 -33.71
CA ILE B 44 -20.43 18.05 -33.41
C ILE B 44 -18.99 18.44 -33.13
N THR B 45 -18.26 17.59 -32.41
CA THR B 45 -16.89 17.89 -32.02
C THR B 45 -15.87 17.62 -33.12
N ASN B 46 -16.32 17.29 -34.34
CA ASN B 46 -15.38 16.99 -35.41
C ASN B 46 -14.54 18.20 -35.80
N ASN B 47 -14.96 19.40 -35.42
CA ASN B 47 -14.28 20.61 -35.86
C ASN B 47 -13.23 21.09 -34.85
N ILE B 48 -13.43 20.80 -33.57
CA ILE B 48 -12.55 21.35 -32.55
C ILE B 48 -11.15 20.76 -32.69
N ASP B 49 -10.15 21.56 -32.36
CA ASP B 49 -8.77 21.12 -32.46
C ASP B 49 -8.48 20.04 -31.43
N PRO B 50 -7.65 19.05 -31.73
CA PRO B 50 -7.30 18.04 -30.73
C PRO B 50 -6.53 18.66 -29.58
N VAL B 51 -6.33 17.84 -28.53
CA VAL B 51 -5.58 18.27 -27.36
C VAL B 51 -4.11 17.86 -27.52
N GLY B 52 -3.79 17.24 -28.65
CA GLY B 52 -2.45 16.71 -28.86
C GLY B 52 -2.22 15.47 -28.03
N ARG B 53 -0.98 15.29 -27.56
CA ARG B 53 -0.63 14.17 -26.70
C ARG B 53 -0.30 14.70 -25.31
N ILE B 54 -0.94 14.14 -24.29
CA ILE B 54 -0.78 14.61 -22.91
C ILE B 54 0.26 13.70 -22.27
N GLN B 55 1.47 14.21 -22.13
CA GLN B 55 2.54 13.47 -21.47
C GLN B 55 2.66 13.92 -20.02
N MET B 56 2.55 12.98 -19.10
CA MET B 56 2.66 13.23 -17.67
C MET B 56 3.73 12.33 -17.08
N ARG B 57 4.40 12.82 -16.04
CA ARG B 57 5.47 12.09 -15.39
C ARG B 57 5.23 12.03 -13.89
N THR B 58 5.75 10.99 -13.27
CA THR B 58 5.55 10.75 -11.84
C THR B 58 6.36 11.75 -11.05
N ARG B 59 5.71 12.81 -10.57
CA ARG B 59 6.39 13.80 -9.75
C ARG B 59 6.66 13.31 -8.34
N ARG B 60 5.76 12.50 -7.77
CA ARG B 60 5.92 11.98 -6.43
C ARG B 60 5.59 10.50 -6.42
N THR B 61 6.14 9.79 -5.44
CA THR B 61 5.79 8.40 -5.18
C THR B 61 5.61 8.24 -3.69
N LEU B 62 4.36 8.24 -3.24
CA LEU B 62 4.03 8.18 -1.81
C LEU B 62 3.91 6.71 -1.43
N ARG B 63 4.93 6.21 -0.75
CA ARG B 63 5.01 4.80 -0.38
C ARG B 63 5.03 4.66 1.14
N GLY B 64 4.57 3.51 1.61
CA GLY B 64 4.46 3.27 3.03
C GLY B 64 3.27 2.42 3.42
N HIS B 65 2.31 2.29 2.51
CA HIS B 65 1.20 1.36 2.74
C HIS B 65 1.70 -0.07 2.63
N LEU B 66 1.23 -0.92 3.53
CA LEU B 66 1.73 -2.29 3.62
C LEU B 66 1.05 -3.24 2.65
N ALA B 67 -0.07 -2.87 2.06
CA ALA B 67 -0.82 -3.77 1.21
C ALA B 67 -1.49 -2.96 0.10
N LYS B 68 -2.45 -3.60 -0.56
CA LYS B 68 -3.15 -2.96 -1.67
C LYS B 68 -3.80 -1.66 -1.23
N ILE B 69 -3.64 -0.61 -2.04
CA ILE B 69 -4.36 0.64 -1.82
C ILE B 69 -5.69 0.55 -2.55
N TYR B 70 -6.80 0.67 -1.80
CA TYR B 70 -8.14 0.51 -2.38
C TYR B 70 -8.83 1.83 -2.72
N ALA B 71 -8.48 2.94 -2.05
CA ALA B 71 -9.17 4.19 -2.32
C ALA B 71 -8.28 5.34 -1.88
N MET B 72 -8.60 6.52 -2.39
CA MET B 72 -7.94 7.75 -1.98
C MET B 72 -8.88 8.91 -2.27
N HIS B 73 -8.62 10.03 -1.60
CA HIS B 73 -9.42 11.22 -1.80
C HIS B 73 -8.59 12.45 -1.48
N TRP B 74 -8.71 13.48 -2.31
CA TRP B 74 -8.01 14.74 -2.10
C TRP B 74 -8.79 15.63 -1.15
N GLY B 75 -8.07 16.38 -0.32
CA GLY B 75 -8.69 17.45 0.42
C GLY B 75 -8.99 18.64 -0.46
N THR B 76 -9.90 19.50 0.02
CA THR B 76 -10.25 20.69 -0.76
C THR B 76 -9.08 21.64 -0.91
N ASP B 77 -8.07 21.55 -0.03
CA ASP B 77 -6.88 22.38 -0.16
C ASP B 77 -5.98 21.92 -1.31
N SER B 78 -6.24 20.76 -1.90
CA SER B 78 -5.48 20.24 -3.03
C SER B 78 -4.05 19.89 -2.64
N ARG B 79 -3.78 19.74 -1.34
CA ARG B 79 -2.46 19.36 -0.86
C ARG B 79 -2.49 18.06 -0.06
N LEU B 80 -3.43 17.93 0.87
CA LEU B 80 -3.55 16.72 1.68
C LEU B 80 -4.48 15.72 1.01
N LEU B 81 -4.12 14.45 1.08
CA LEU B 81 -4.94 13.38 0.53
C LEU B 81 -4.91 12.18 1.45
N VAL B 82 -6.08 11.61 1.70
CA VAL B 82 -6.21 10.44 2.55
C VAL B 82 -6.20 9.19 1.67
N SER B 83 -5.50 8.16 2.12
CA SER B 83 -5.34 6.93 1.35
C SER B 83 -5.65 5.75 2.25
N ALA B 84 -6.39 4.77 1.72
CA ALA B 84 -6.81 3.61 2.47
C ALA B 84 -6.21 2.35 1.84
N SER B 85 -5.81 1.41 2.69
CA SER B 85 -5.22 0.16 2.23
C SER B 85 -5.87 -1.01 2.96
N GLN B 86 -5.79 -2.19 2.35
CA GLN B 86 -6.44 -3.37 2.89
C GLN B 86 -5.80 -3.88 4.17
N ASP B 87 -4.60 -3.42 4.54
CA ASP B 87 -3.98 -3.83 5.82
C ASP B 87 -4.58 -3.08 7.03
N GLY B 88 -5.51 -2.14 6.84
CA GLY B 88 -6.16 -1.47 7.94
C GLY B 88 -5.48 -0.20 8.38
N LYS B 89 -5.19 0.70 7.43
CA LYS B 89 -4.54 1.97 7.71
C LYS B 89 -5.09 3.05 6.81
N LEU B 90 -5.32 4.23 7.38
CA LEU B 90 -5.51 5.46 6.64
C LEU B 90 -4.32 6.36 6.90
N ILE B 91 -3.72 6.87 5.83
CA ILE B 91 -2.57 7.76 5.91
C ILE B 91 -2.92 9.04 5.18
N ILE B 92 -2.90 10.16 5.90
CA ILE B 92 -3.09 11.47 5.31
C ILE B 92 -1.72 11.98 4.89
N TRP B 93 -1.49 12.08 3.58
CA TRP B 93 -0.20 12.48 3.04
C TRP B 93 -0.17 13.98 2.81
N ASP B 94 1.01 14.56 2.95
CA ASP B 94 1.26 15.93 2.50
C ASP B 94 1.93 15.81 1.13
N SER B 95 1.11 15.85 0.08
CA SER B 95 1.59 15.51 -1.24
C SER B 95 2.74 16.40 -1.69
N TYR B 96 2.73 17.68 -1.31
CA TYR B 96 3.80 18.58 -1.73
C TYR B 96 5.17 18.12 -1.27
N THR B 97 5.26 17.45 -0.10
CA THR B 97 6.54 17.08 0.47
C THR B 97 6.67 15.60 0.79
N THR B 98 5.65 14.78 0.54
CA THR B 98 5.63 13.35 0.80
C THR B 98 5.51 13.03 2.29
N ASN B 99 5.39 14.04 3.15
CA ASN B 99 5.29 13.80 4.58
C ASN B 99 3.97 13.12 4.93
N LYS B 100 4.01 12.33 5.99
CA LYS B 100 2.81 11.68 6.52
C LYS B 100 2.28 12.50 7.69
N VAL B 101 1.10 13.08 7.52
CA VAL B 101 0.51 13.89 8.58
C VAL B 101 -0.07 13.00 9.67
N HIS B 102 -0.86 12.00 9.28
CA HIS B 102 -1.49 11.09 10.21
C HIS B 102 -1.40 9.68 9.67
N ALA B 103 -1.45 8.71 10.58
CA ALA B 103 -1.54 7.29 10.24
C ALA B 103 -2.57 6.67 11.18
N ILE B 104 -3.78 6.45 10.68
CA ILE B 104 -4.92 6.07 11.52
C ILE B 104 -5.09 4.56 11.41
N PRO B 105 -4.94 3.80 12.50
CA PRO B 105 -5.23 2.36 12.45
C PRO B 105 -6.73 2.10 12.49
N LEU B 106 -7.20 1.23 11.60
CA LEU B 106 -8.61 0.93 11.48
C LEU B 106 -8.98 -0.32 12.27
N ARG B 107 -10.22 -0.32 12.76
CA ARG B 107 -10.73 -1.50 13.45
C ARG B 107 -10.86 -2.68 12.50
N SER B 108 -11.35 -2.44 11.29
CA SER B 108 -11.55 -3.48 10.28
C SER B 108 -10.48 -3.37 9.21
N SER B 109 -9.76 -4.47 8.97
CA SER B 109 -8.70 -4.45 7.98
C SER B 109 -9.25 -4.27 6.57
N TRP B 110 -10.46 -4.76 6.31
CA TRP B 110 -11.01 -4.78 4.96
C TRP B 110 -11.75 -3.47 4.65
N VAL B 111 -10.97 -2.45 4.37
CA VAL B 111 -11.50 -1.12 4.04
C VAL B 111 -11.49 -0.96 2.53
N MET B 112 -12.62 -0.55 1.96
CA MET B 112 -12.77 -0.42 0.52
C MET B 112 -13.04 1.01 0.05
N THR B 113 -13.20 1.96 0.96
CA THR B 113 -13.47 3.33 0.56
C THR B 113 -12.96 4.27 1.65
N CYS B 114 -12.68 5.51 1.24
CA CYS B 114 -12.31 6.56 2.19
C CYS B 114 -12.73 7.90 1.59
N ALA B 115 -12.90 8.88 2.47
CA ALA B 115 -13.32 10.21 2.03
C ALA B 115 -12.65 11.25 2.90
N TYR B 116 -12.63 12.51 2.41
CA TYR B 116 -11.99 13.60 3.11
C TYR B 116 -13.09 14.65 3.14
N ALA B 117 -13.44 15.15 4.33
CA ALA B 117 -14.52 16.12 4.45
C ALA B 117 -14.14 17.42 3.75
N PRO B 118 -15.12 18.13 3.18
CA PRO B 118 -14.80 19.40 2.51
C PRO B 118 -14.13 20.41 3.43
N SER B 119 -14.47 20.43 4.71
CA SER B 119 -13.81 21.33 5.65
C SER B 119 -12.46 20.79 6.11
N GLY B 120 -12.19 19.51 5.92
CA GLY B 120 -10.94 18.92 6.36
C GLY B 120 -10.93 18.45 7.80
N ASN B 121 -12.03 18.62 8.53
CA ASN B 121 -12.05 18.21 9.93
C ASN B 121 -12.19 16.70 10.09
N TYR B 122 -12.93 16.04 9.21
CA TYR B 122 -13.24 14.62 9.37
C TYR B 122 -12.82 13.85 8.12
N VAL B 123 -12.57 12.56 8.32
CA VAL B 123 -12.44 11.60 7.24
C VAL B 123 -13.35 10.43 7.56
N ALA B 124 -13.73 9.68 6.54
CA ALA B 124 -14.61 8.54 6.68
C ALA B 124 -14.04 7.35 5.94
N CYS B 125 -14.43 6.15 6.37
CA CYS B 125 -13.99 4.92 5.72
C CYS B 125 -14.99 3.81 6.01
N GLY B 126 -14.95 2.79 5.18
CA GLY B 126 -15.84 1.65 5.34
C GLY B 126 -15.42 0.54 4.42
N GLY B 127 -16.10 -0.60 4.55
CA GLY B 127 -15.77 -1.75 3.74
C GLY B 127 -16.63 -2.96 4.02
N LEU B 128 -16.00 -4.13 4.12
CA LEU B 128 -16.73 -5.38 4.33
C LEU B 128 -17.36 -5.47 5.71
N ASP B 129 -17.03 -4.56 6.62
CA ASP B 129 -17.60 -4.57 7.96
C ASP B 129 -18.98 -3.92 8.02
N ASN B 130 -19.49 -3.42 6.89
CA ASN B 130 -20.82 -2.84 6.78
C ASN B 130 -21.02 -1.61 7.67
N ILE B 131 -19.94 -0.93 8.04
CA ILE B 131 -20.01 0.23 8.93
C ILE B 131 -19.13 1.34 8.35
N CYS B 132 -19.65 2.56 8.37
CA CYS B 132 -18.91 3.75 8.00
C CYS B 132 -18.46 4.45 9.28
N SER B 133 -17.15 4.65 9.42
CA SER B 133 -16.57 5.21 10.64
C SER B 133 -16.05 6.60 10.34
N ILE B 134 -16.56 7.59 11.07
CA ILE B 134 -16.13 8.97 10.92
C ILE B 134 -15.03 9.24 11.94
N TYR B 135 -13.89 9.75 11.47
CA TYR B 135 -12.74 10.04 12.32
C TYR B 135 -12.60 11.54 12.46
N ASN B 136 -12.30 12.00 13.67
CA ASN B 136 -12.13 13.42 13.96
C ASN B 136 -10.65 13.74 13.93
N LEU B 137 -10.21 14.44 12.88
CA LEU B 137 -8.79 14.74 12.72
C LEU B 137 -8.32 15.83 13.68
N LYS B 138 -9.15 16.83 13.94
CA LYS B 138 -8.78 18.00 14.74
C LYS B 138 -9.48 17.90 16.09
N THR B 139 -8.75 17.45 17.10
CA THR B 139 -9.28 17.31 18.45
C THR B 139 -8.24 17.79 19.45
N ARG B 140 -8.71 18.18 20.63
CA ARG B 140 -7.81 18.69 21.66
C ARG B 140 -6.82 17.64 22.13
N GLU B 141 -7.23 16.37 22.14
CA GLU B 141 -6.36 15.32 22.64
C GLU B 141 -5.12 15.12 21.77
N GLY B 142 -5.13 15.60 20.54
CA GLY B 142 -3.97 15.51 19.67
C GLY B 142 -3.84 14.23 18.88
N ASN B 143 -4.83 13.35 18.93
CA ASN B 143 -4.81 12.10 18.19
C ASN B 143 -6.12 11.91 17.46
N VAL B 144 -6.07 11.19 16.33
CA VAL B 144 -7.28 10.95 15.55
C VAL B 144 -8.17 9.97 16.30
N ARG B 145 -9.43 10.36 16.49
CA ARG B 145 -10.37 9.63 17.32
C ARG B 145 -11.65 9.37 16.54
N VAL B 146 -12.18 8.16 16.66
CA VAL B 146 -13.44 7.83 15.99
C VAL B 146 -14.54 8.67 16.60
N SER B 147 -15.28 9.40 15.75
CA SER B 147 -16.36 10.25 16.20
C SER B 147 -17.73 9.59 16.09
N ARG B 148 -17.94 8.77 15.07
CA ARG B 148 -19.22 8.11 14.88
C ARG B 148 -19.01 6.88 14.01
N GLU B 149 -19.77 5.84 14.30
CA GLU B 149 -19.74 4.58 13.54
C GLU B 149 -21.14 4.34 12.99
N LEU B 150 -21.37 4.74 11.75
CA LEU B 150 -22.69 4.64 11.14
C LEU B 150 -22.96 3.20 10.73
N ALA B 151 -23.96 2.59 11.34
CA ALA B 151 -24.36 1.22 11.04
C ALA B 151 -25.81 1.19 10.59
N GLY B 152 -26.16 0.15 9.84
CA GLY B 152 -27.51 0.02 9.32
C GLY B 152 -27.56 -0.60 7.94
N HIS B 153 -26.45 -0.54 7.21
CA HIS B 153 -26.35 -1.21 5.93
C HIS B 153 -26.23 -2.72 6.14
N THR B 154 -26.94 -3.49 5.32
CA THR B 154 -26.88 -4.95 5.37
C THR B 154 -25.93 -5.52 4.34
N GLY B 155 -24.87 -4.80 4.00
CA GLY B 155 -23.91 -5.27 3.03
C GLY B 155 -22.68 -4.39 3.06
N TYR B 156 -21.63 -4.88 2.43
CA TYR B 156 -20.37 -4.14 2.40
C TYR B 156 -20.59 -2.74 1.85
N LEU B 157 -19.70 -1.83 2.21
CA LEU B 157 -19.84 -0.42 1.88
C LEU B 157 -18.95 -0.12 0.68
N SER B 158 -19.55 0.41 -0.39
CA SER B 158 -18.80 0.65 -1.62
C SER B 158 -18.20 2.04 -1.67
N CYS B 159 -18.96 3.07 -1.30
CA CYS B 159 -18.49 4.43 -1.40
C CYS B 159 -19.15 5.27 -0.33
N CYS B 160 -18.53 6.42 -0.04
CA CYS B 160 -19.03 7.35 0.95
C CYS B 160 -18.49 8.74 0.63
N ARG B 161 -19.37 9.74 0.62
CA ARG B 161 -19.00 11.10 0.27
C ARG B 161 -19.70 12.08 1.20
N PHE B 162 -18.96 13.11 1.62
CA PHE B 162 -19.50 14.10 2.54
C PHE B 162 -20.25 15.20 1.79
N LEU B 163 -21.51 15.42 2.17
CA LEU B 163 -22.19 16.64 1.76
C LEU B 163 -21.75 17.81 2.65
N ASP B 164 -21.39 17.52 3.89
CA ASP B 164 -21.04 18.53 4.87
C ASP B 164 -20.48 17.79 6.09
N ASP B 165 -19.98 18.56 7.05
CA ASP B 165 -19.50 17.94 8.29
C ASP B 165 -20.62 17.19 9.00
N ASN B 166 -21.87 17.52 8.71
CA ASN B 166 -23.01 16.91 9.39
C ASN B 166 -23.64 15.76 8.63
N GLN B 167 -23.53 15.74 7.30
CA GLN B 167 -24.22 14.76 6.47
C GLN B 167 -23.23 14.00 5.61
N ILE B 168 -23.46 12.71 5.46
CA ILE B 168 -22.66 11.83 4.61
C ILE B 168 -23.59 10.87 3.89
N VAL B 169 -23.32 10.63 2.61
CA VAL B 169 -24.10 9.71 1.79
C VAL B 169 -23.23 8.53 1.43
N THR B 170 -23.76 7.32 1.59
CA THR B 170 -22.99 6.11 1.37
C THR B 170 -23.82 5.13 0.52
N SER B 171 -23.10 4.27 -0.20
CA SER B 171 -23.71 3.20 -0.97
C SER B 171 -23.11 1.87 -0.54
N SER B 172 -23.94 0.84 -0.53
CA SER B 172 -23.54 -0.46 0.00
C SER B 172 -23.91 -1.55 -0.99
N GLY B 173 -23.31 -2.73 -0.78
CA GLY B 173 -23.58 -3.87 -1.64
C GLY B 173 -24.98 -4.42 -1.49
N ASP B 174 -25.74 -3.93 -0.52
CA ASP B 174 -27.12 -4.36 -0.33
C ASP B 174 -28.09 -3.68 -1.28
N THR B 175 -27.58 -3.06 -2.35
CA THR B 175 -28.42 -2.48 -3.39
C THR B 175 -29.15 -1.23 -2.90
N THR B 176 -28.72 -0.67 -1.77
CA THR B 176 -29.34 0.55 -1.26
C THR B 176 -28.29 1.65 -1.07
N CYS B 177 -28.75 2.89 -1.15
CA CYS B 177 -27.94 4.06 -0.81
C CYS B 177 -28.71 4.89 0.22
N ALA B 178 -28.00 5.36 1.23
CA ALA B 178 -28.63 6.05 2.34
C ALA B 178 -27.89 7.35 2.64
N LEU B 179 -28.62 8.30 3.19
CA LEU B 179 -28.07 9.58 3.63
C LEU B 179 -28.14 9.63 5.14
N TRP B 180 -26.99 9.90 5.78
CA TRP B 180 -26.86 9.82 7.23
C TRP B 180 -26.71 11.20 7.83
N ASP B 181 -27.29 11.37 9.02
CA ASP B 181 -27.02 12.54 9.84
C ASP B 181 -25.99 12.15 10.91
N ILE B 182 -24.76 12.63 10.75
CA ILE B 182 -23.67 12.17 11.60
C ILE B 182 -23.94 12.48 13.06
N GLU B 183 -24.53 13.64 13.35
CA GLU B 183 -24.79 14.01 14.74
C GLU B 183 -25.61 12.94 15.45
N THR B 184 -26.83 12.70 14.98
CA THR B 184 -27.65 11.65 15.56
C THR B 184 -27.20 10.25 15.17
N GLY B 185 -26.56 10.09 14.02
CA GLY B 185 -26.03 8.81 13.62
C GLY B 185 -27.05 7.83 13.10
N GLN B 186 -28.13 8.31 12.48
CA GLN B 186 -29.13 7.43 11.89
C GLN B 186 -29.53 7.98 10.53
N GLN B 187 -29.95 7.07 9.65
CA GLN B 187 -30.24 7.41 8.25
C GLN B 187 -31.32 8.48 8.20
N THR B 188 -31.00 9.60 7.56
CA THR B 188 -32.03 10.62 7.31
C THR B 188 -33.01 10.14 6.24
N THR B 189 -32.50 9.58 5.14
CA THR B 189 -33.34 9.06 4.07
C THR B 189 -32.58 7.94 3.37
N THR B 190 -33.35 7.07 2.72
CA THR B 190 -32.80 5.91 2.03
C THR B 190 -33.22 5.93 0.57
N PHE B 191 -32.28 5.59 -0.31
CA PHE B 191 -32.52 5.51 -1.75
C PHE B 191 -32.52 4.06 -2.17
N THR B 192 -33.55 3.65 -2.89
CA THR B 192 -33.71 2.27 -3.33
C THR B 192 -34.13 2.24 -4.78
N GLY B 193 -33.87 1.11 -5.44
CA GLY B 193 -34.23 0.96 -6.84
C GLY B 193 -33.21 0.17 -7.64
N HIS B 194 -31.96 0.18 -7.19
CA HIS B 194 -30.95 -0.64 -7.84
C HIS B 194 -31.19 -2.11 -7.55
N THR B 195 -30.98 -2.95 -8.56
CA THR B 195 -31.14 -4.39 -8.42
C THR B 195 -29.80 -5.11 -8.35
N GLY B 196 -28.81 -4.45 -7.76
CA GLY B 196 -27.49 -5.04 -7.63
C GLY B 196 -26.63 -4.19 -6.73
N ASP B 197 -25.44 -4.70 -6.44
CA ASP B 197 -24.50 -3.97 -5.59
C ASP B 197 -24.21 -2.60 -6.20
N VAL B 198 -24.35 -1.55 -5.39
CA VAL B 198 -24.02 -0.20 -5.83
C VAL B 198 -22.51 -0.03 -5.67
N MET B 199 -21.79 0.09 -6.78
CA MET B 199 -20.34 -0.03 -6.74
C MET B 199 -19.65 1.32 -6.65
N SER B 200 -20.30 2.41 -7.07
CA SER B 200 -19.67 3.72 -7.00
C SER B 200 -20.75 4.79 -6.84
N LEU B 201 -20.31 5.95 -6.36
CA LEU B 201 -21.20 7.06 -6.05
C LEU B 201 -20.44 8.36 -6.29
N SER B 202 -21.09 9.31 -6.96
CA SER B 202 -20.49 10.60 -7.24
C SER B 202 -21.45 11.70 -6.83
N LEU B 203 -20.92 12.76 -6.23
CA LEU B 203 -21.71 13.86 -5.69
C LEU B 203 -21.66 15.04 -6.64
N ALA B 204 -22.81 15.62 -6.94
CA ALA B 204 -22.85 16.75 -7.85
C ALA B 204 -22.13 17.95 -7.20
N PRO B 205 -21.54 18.83 -8.02
CA PRO B 205 -20.83 19.98 -7.45
C PRO B 205 -21.71 20.84 -6.55
N ASP B 206 -22.98 21.01 -6.90
CA ASP B 206 -23.90 21.77 -6.05
C ASP B 206 -24.38 20.96 -4.85
N THR B 207 -24.15 19.65 -4.84
CA THR B 207 -24.50 18.79 -3.72
C THR B 207 -26.01 18.79 -3.48
N ARG B 208 -26.77 18.83 -4.58
CA ARG B 208 -28.21 18.61 -4.55
C ARG B 208 -28.61 17.30 -5.22
N LEU B 209 -27.73 16.72 -6.05
CA LEU B 209 -27.99 15.46 -6.71
C LEU B 209 -26.72 14.62 -6.66
N PHE B 210 -26.89 13.30 -6.75
CA PHE B 210 -25.77 12.38 -6.83
C PHE B 210 -26.18 11.19 -7.67
N VAL B 211 -25.20 10.65 -8.40
CA VAL B 211 -25.42 9.52 -9.30
C VAL B 211 -24.63 8.33 -8.76
N SER B 212 -25.26 7.15 -8.82
CA SER B 212 -24.64 5.92 -8.35
C SER B 212 -24.72 4.86 -9.44
N GLY B 213 -23.61 4.17 -9.67
CA GLY B 213 -23.56 3.05 -10.59
C GLY B 213 -23.63 1.75 -9.81
N ALA B 214 -24.29 0.75 -10.39
CA ALA B 214 -24.54 -0.51 -9.71
C ALA B 214 -24.19 -1.66 -10.64
N CYS B 215 -24.02 -2.83 -10.04
CA CYS B 215 -23.70 -4.03 -10.81
C CYS B 215 -24.81 -4.44 -11.76
N ASP B 216 -26.01 -3.88 -11.60
CA ASP B 216 -27.10 -4.12 -12.53
C ASP B 216 -26.92 -3.39 -13.85
N ALA B 217 -25.77 -2.76 -14.08
CA ALA B 217 -25.40 -2.15 -15.35
C ALA B 217 -26.22 -0.92 -15.67
N SER B 218 -26.69 -0.21 -14.65
CA SER B 218 -27.44 1.03 -14.82
C SER B 218 -26.99 2.06 -13.81
N ALA B 219 -27.14 3.33 -14.18
CA ALA B 219 -26.83 4.45 -13.31
C ALA B 219 -28.08 5.29 -13.10
N LYS B 220 -28.29 5.76 -11.88
CA LYS B 220 -29.49 6.47 -11.49
C LYS B 220 -29.13 7.82 -10.91
N LEU B 221 -29.95 8.83 -11.21
CA LEU B 221 -29.77 10.18 -10.68
C LEU B 221 -30.72 10.35 -9.50
N TRP B 222 -30.16 10.61 -8.32
CA TRP B 222 -30.93 10.73 -7.10
C TRP B 222 -31.08 12.19 -6.68
N ASP B 223 -32.10 12.45 -5.87
CA ASP B 223 -32.31 13.75 -5.25
C ASP B 223 -32.14 13.56 -3.74
N VAL B 224 -31.07 14.14 -3.19
CA VAL B 224 -30.71 13.87 -1.80
C VAL B 224 -31.79 14.33 -0.83
N ARG B 225 -32.63 15.28 -1.22
CA ARG B 225 -33.65 15.82 -0.32
C ARG B 225 -35.04 15.26 -0.60
N GLU B 226 -35.33 14.82 -1.82
CA GLU B 226 -36.61 14.21 -2.13
C GLU B 226 -36.60 12.70 -1.96
N GLY B 227 -35.42 12.07 -2.00
CA GLY B 227 -35.33 10.65 -1.75
C GLY B 227 -35.85 9.76 -2.87
N MET B 228 -35.90 10.27 -4.10
CA MET B 228 -36.40 9.49 -5.23
C MET B 228 -35.49 9.70 -6.44
N CYS B 229 -35.37 8.65 -7.25
CA CYS B 229 -34.57 8.73 -8.47
C CYS B 229 -35.29 9.59 -9.49
N ARG B 230 -34.55 10.49 -10.14
CA ARG B 230 -35.15 11.35 -11.15
C ARG B 230 -35.16 10.67 -12.52
N GLN B 231 -34.06 10.03 -12.89
CA GLN B 231 -33.98 9.32 -14.16
C GLN B 231 -32.89 8.26 -14.07
N THR B 232 -32.95 7.30 -14.98
CA THR B 232 -32.03 6.17 -15.01
C THR B 232 -31.37 6.07 -16.37
N PHE B 233 -30.12 5.59 -16.37
CA PHE B 233 -29.33 5.43 -17.58
C PHE B 233 -28.87 4.00 -17.73
N THR B 234 -29.04 3.44 -18.93
CA THR B 234 -28.81 2.01 -19.14
C THR B 234 -27.97 1.75 -20.39
N GLY B 235 -26.86 2.46 -20.54
CA GLY B 235 -26.03 2.29 -21.72
C GLY B 235 -25.03 1.16 -21.65
N HIS B 236 -24.63 0.75 -20.44
CA HIS B 236 -23.59 -0.25 -20.29
C HIS B 236 -24.15 -1.65 -20.43
N GLU B 237 -23.24 -2.61 -20.63
CA GLU B 237 -23.58 -4.03 -20.72
C GLU B 237 -23.05 -4.84 -19.55
N SER B 238 -22.33 -4.21 -18.62
CA SER B 238 -21.71 -4.93 -17.51
C SER B 238 -21.79 -4.07 -16.26
N ASP B 239 -21.09 -4.50 -15.22
CA ASP B 239 -21.10 -3.80 -13.94
C ASP B 239 -20.39 -2.46 -14.07
N ILE B 240 -20.97 -1.43 -13.45
CA ILE B 240 -20.36 -0.10 -13.45
C ILE B 240 -19.48 0.01 -12.21
N ASN B 241 -18.17 0.11 -12.42
CA ASN B 241 -17.23 0.13 -11.31
C ASN B 241 -16.90 1.53 -10.81
N ALA B 242 -17.07 2.55 -11.65
CA ALA B 242 -16.73 3.91 -11.26
C ALA B 242 -17.68 4.89 -11.93
N ILE B 243 -17.79 6.07 -11.33
CA ILE B 243 -18.65 7.13 -11.85
C ILE B 243 -18.12 8.46 -11.37
N CYS B 244 -18.25 9.48 -12.21
CA CYS B 244 -17.77 10.81 -11.87
C CYS B 244 -18.64 11.85 -12.57
N PHE B 245 -18.90 12.96 -11.90
CA PHE B 245 -19.64 14.05 -12.51
C PHE B 245 -18.73 14.92 -13.37
N PHE B 246 -19.27 15.39 -14.48
CA PHE B 246 -18.59 16.38 -15.28
C PHE B 246 -18.57 17.70 -14.52
N PRO B 247 -17.50 18.51 -14.64
CA PRO B 247 -17.42 19.71 -13.80
C PRO B 247 -18.63 20.62 -13.90
N ASN B 248 -19.22 20.77 -15.09
CA ASN B 248 -20.41 21.59 -15.22
C ASN B 248 -21.58 21.05 -14.42
N GLY B 249 -21.56 19.76 -14.08
CA GLY B 249 -22.64 19.16 -13.32
C GLY B 249 -23.83 18.74 -14.13
N ASN B 250 -23.79 18.87 -15.45
CA ASN B 250 -24.88 18.45 -16.32
C ASN B 250 -24.59 17.15 -17.06
N ALA B 251 -23.45 16.52 -16.80
CA ALA B 251 -23.10 15.26 -17.42
C ALA B 251 -22.19 14.48 -16.49
N PHE B 252 -22.13 13.17 -16.70
CA PHE B 252 -21.28 12.31 -15.87
C PHE B 252 -20.78 11.15 -16.72
N ALA B 253 -19.56 10.73 -16.42
CA ALA B 253 -18.93 9.60 -17.10
C ALA B 253 -19.02 8.36 -16.23
N THR B 254 -18.87 7.20 -16.88
CA THR B 254 -18.96 5.92 -16.19
C THR B 254 -17.86 5.01 -16.69
N GLY B 255 -17.52 4.03 -15.85
CA GLY B 255 -16.59 2.99 -16.23
C GLY B 255 -17.14 1.64 -15.81
N SER B 256 -16.91 0.60 -16.61
CA SER B 256 -17.53 -0.69 -16.37
C SER B 256 -16.55 -1.80 -16.70
N ASP B 257 -16.93 -3.02 -16.30
CA ASP B 257 -16.17 -4.20 -16.69
C ASP B 257 -16.18 -4.42 -18.20
N ASP B 258 -17.08 -3.77 -18.92
CA ASP B 258 -17.11 -3.82 -20.38
C ASP B 258 -15.83 -3.30 -21.01
N ALA B 259 -14.91 -2.72 -20.22
CA ALA B 259 -13.67 -2.15 -20.74
C ALA B 259 -13.93 -0.90 -21.56
N THR B 260 -15.02 -0.20 -21.27
CA THR B 260 -15.35 1.02 -21.98
C THR B 260 -15.93 2.03 -20.99
N CYS B 261 -15.84 3.30 -21.36
CA CYS B 261 -16.49 4.38 -20.63
C CYS B 261 -17.65 4.94 -21.47
N ARG B 262 -18.61 5.53 -20.78
CA ARG B 262 -19.73 6.21 -21.42
C ARG B 262 -19.91 7.57 -20.79
N LEU B 263 -20.36 8.54 -21.59
CA LEU B 263 -20.64 9.89 -21.11
C LEU B 263 -22.12 10.18 -21.31
N PHE B 264 -22.84 10.36 -20.22
CA PHE B 264 -24.27 10.64 -20.23
C PHE B 264 -24.49 12.10 -19.87
N ASP B 265 -25.57 12.67 -20.39
CA ASP B 265 -25.98 14.02 -20.05
C ASP B 265 -27.35 13.96 -19.38
N LEU B 266 -27.49 14.66 -18.27
CA LEU B 266 -28.74 14.60 -17.51
C LEU B 266 -29.88 15.29 -18.24
N ARG B 267 -29.62 16.44 -18.88
CA ARG B 267 -30.65 17.15 -19.61
C ARG B 267 -31.10 16.43 -20.87
N ALA B 268 -30.16 15.89 -21.66
CA ALA B 268 -30.52 15.11 -22.82
C ALA B 268 -31.06 13.74 -22.44
N ASP B 269 -30.74 13.25 -21.24
CA ASP B 269 -31.26 11.98 -20.75
C ASP B 269 -30.88 10.82 -21.66
N GLN B 270 -29.62 10.79 -22.12
CA GLN B 270 -29.14 9.67 -22.91
C GLN B 270 -27.64 9.79 -23.09
N GLU B 271 -27.03 8.72 -23.58
CA GLU B 271 -25.59 8.68 -23.77
C GLU B 271 -25.16 9.63 -24.88
N LEU B 272 -23.97 10.21 -24.73
CA LEU B 272 -23.42 11.12 -25.72
C LEU B 272 -22.20 10.57 -26.45
N MET B 273 -21.34 9.83 -25.75
CA MET B 273 -20.10 9.36 -26.37
C MET B 273 -19.62 8.12 -25.64
N THR B 274 -18.90 7.27 -26.38
CA THR B 274 -18.31 6.04 -25.83
C THR B 274 -16.81 6.10 -26.08
N TYR B 275 -16.04 5.72 -25.06
CA TYR B 275 -14.57 5.72 -25.14
C TYR B 275 -14.10 4.27 -25.04
N SER B 276 -13.53 3.76 -26.12
CA SER B 276 -13.06 2.38 -26.13
C SER B 276 -12.15 2.16 -27.33
N HIS B 277 -11.16 1.30 -27.14
CA HIS B 277 -10.28 0.84 -28.21
C HIS B 277 -10.32 -0.68 -28.24
N ASP B 278 -10.34 -1.25 -29.45
CA ASP B 278 -10.43 -2.69 -29.58
C ASP B 278 -9.25 -3.41 -28.96
N ASN B 279 -8.14 -2.71 -28.74
CA ASN B 279 -6.97 -3.31 -28.11
C ASN B 279 -7.01 -3.25 -26.60
N ILE B 280 -8.09 -2.78 -26.01
CA ILE B 280 -8.30 -2.78 -24.56
C ILE B 280 -9.39 -3.81 -24.27
N ILE B 281 -9.10 -4.73 -23.35
CA ILE B 281 -9.96 -5.86 -23.07
C ILE B 281 -10.28 -6.02 -21.60
N CYS B 282 -9.74 -5.16 -20.73
CA CYS B 282 -9.92 -5.29 -19.30
C CYS B 282 -10.83 -4.19 -18.78
N GLY B 283 -11.41 -4.43 -17.61
CA GLY B 283 -12.38 -3.49 -17.07
C GLY B 283 -11.73 -2.22 -16.57
N ILE B 284 -12.59 -1.25 -16.25
CA ILE B 284 -12.16 0.06 -15.78
C ILE B 284 -12.49 0.19 -14.31
N THR B 285 -11.53 0.62 -13.52
CA THR B 285 -11.70 0.69 -12.07
C THR B 285 -12.02 2.08 -11.56
N SER B 286 -11.52 3.12 -12.22
CA SER B 286 -11.69 4.48 -11.71
C SER B 286 -11.84 5.44 -12.88
N VAL B 287 -12.46 6.58 -12.59
CA VAL B 287 -12.73 7.61 -13.60
C VAL B 287 -12.71 8.96 -12.92
N SER B 288 -12.27 9.98 -13.65
CA SER B 288 -12.33 11.35 -13.17
C SER B 288 -11.97 12.30 -14.30
N PHE B 289 -12.68 13.43 -14.36
CA PHE B 289 -12.39 14.44 -15.36
C PHE B 289 -11.24 15.33 -14.91
N SER B 290 -10.76 16.15 -15.84
CA SER B 290 -9.84 17.22 -15.49
C SER B 290 -10.62 18.46 -15.09
N LYS B 291 -9.90 19.49 -14.63
CA LYS B 291 -10.57 20.67 -14.10
C LYS B 291 -11.47 21.32 -15.15
N SER B 292 -11.00 21.45 -16.39
CA SER B 292 -11.83 22.00 -17.44
C SER B 292 -12.81 20.99 -18.02
N GLY B 293 -12.59 19.70 -17.77
CA GLY B 293 -13.43 18.66 -18.30
C GLY B 293 -13.05 18.19 -19.69
N ARG B 294 -12.01 18.76 -20.29
CA ARG B 294 -11.61 18.35 -21.63
C ARG B 294 -10.91 17.00 -21.65
N LEU B 295 -10.42 16.52 -20.51
CA LEU B 295 -9.78 15.23 -20.41
C LEU B 295 -10.59 14.34 -19.49
N LEU B 296 -10.56 13.03 -19.75
CA LEU B 296 -11.29 12.04 -18.98
C LEU B 296 -10.34 10.89 -18.67
N LEU B 297 -9.61 11.00 -17.57
CA LEU B 297 -8.71 9.94 -17.15
C LEU B 297 -9.51 8.72 -16.73
N ALA B 298 -8.91 7.54 -16.86
CA ALA B 298 -9.56 6.30 -16.50
C ALA B 298 -8.51 5.28 -16.09
N GLY B 299 -8.78 4.56 -15.01
CA GLY B 299 -7.90 3.51 -14.54
C GLY B 299 -8.38 2.16 -15.04
N TYR B 300 -7.42 1.30 -15.40
CA TYR B 300 -7.71 0.01 -16.01
C TYR B 300 -7.09 -1.11 -15.19
N ASP B 301 -7.62 -2.35 -15.37
CA ASP B 301 -7.08 -3.50 -14.65
C ASP B 301 -5.73 -3.92 -15.23
N ASP B 302 -5.32 -3.37 -16.39
CA ASP B 302 -4.08 -3.78 -17.04
C ASP B 302 -2.86 -3.03 -16.51
N PHE B 303 -2.96 -2.45 -15.32
CA PHE B 303 -1.85 -1.84 -14.58
C PHE B 303 -1.50 -0.44 -15.07
N ASN B 304 -2.27 0.15 -15.97
CA ASN B 304 -1.96 1.48 -16.48
C ASN B 304 -3.25 2.26 -16.68
N CYS B 305 -3.11 3.59 -16.65
CA CYS B 305 -4.23 4.50 -16.81
C CYS B 305 -4.13 5.22 -18.14
N ASN B 306 -5.27 5.49 -18.75
CA ASN B 306 -5.33 6.13 -20.06
C ASN B 306 -6.07 7.45 -19.96
N VAL B 307 -5.63 8.42 -20.73
CA VAL B 307 -6.25 9.74 -20.78
C VAL B 307 -7.05 9.84 -22.07
N TRP B 308 -8.33 10.16 -21.95
CA TRP B 308 -9.24 10.25 -23.08
C TRP B 308 -9.67 11.69 -23.30
N ASP B 309 -9.65 12.12 -24.55
CA ASP B 309 -10.20 13.43 -24.89
C ASP B 309 -11.73 13.36 -24.79
N ALA B 310 -12.29 14.11 -23.85
CA ALA B 310 -13.71 13.98 -23.55
C ALA B 310 -14.58 14.35 -24.74
N LEU B 311 -14.07 15.20 -25.63
CA LEU B 311 -14.85 15.68 -26.78
C LEU B 311 -14.55 14.89 -28.05
N LYS B 312 -13.27 14.72 -28.39
CA LYS B 312 -12.91 13.93 -29.56
C LYS B 312 -13.06 12.44 -29.33
N ALA B 313 -12.90 11.98 -28.08
CA ALA B 313 -13.02 10.58 -27.70
C ALA B 313 -11.88 9.72 -28.21
N ASP B 314 -10.76 10.33 -28.60
CA ASP B 314 -9.59 9.59 -29.02
C ASP B 314 -8.52 9.67 -27.93
N ARG B 315 -7.92 8.52 -27.64
CA ARG B 315 -6.94 8.44 -26.56
C ARG B 315 -5.83 9.47 -26.79
N ALA B 316 -5.51 10.21 -25.72
CA ALA B 316 -4.57 11.31 -25.79
C ALA B 316 -3.34 11.13 -24.92
N GLY B 317 -3.18 9.97 -24.30
CA GLY B 317 -2.01 9.75 -23.47
C GLY B 317 -2.16 8.46 -22.67
N VAL B 318 -1.11 8.18 -21.90
CA VAL B 318 -1.08 7.01 -21.02
C VAL B 318 -0.26 7.36 -19.80
N LEU B 319 -0.68 6.85 -18.64
CA LEU B 319 0.02 7.02 -17.38
C LEU B 319 0.41 5.63 -16.89
N ALA B 320 1.56 5.15 -17.36
CA ALA B 320 2.01 3.78 -17.11
C ALA B 320 3.21 3.80 -16.17
N GLY B 321 2.95 3.65 -14.88
CA GLY B 321 4.02 3.56 -13.90
C GLY B 321 3.71 2.64 -12.75
N HIS B 322 2.66 1.83 -12.88
CA HIS B 322 2.15 1.01 -11.79
C HIS B 322 2.41 -0.46 -12.07
N ASP B 323 2.85 -1.18 -11.03
CA ASP B 323 3.16 -2.59 -11.17
C ASP B 323 1.91 -3.46 -11.21
N ASN B 324 0.83 -3.04 -10.56
CA ASN B 324 -0.37 -3.87 -10.43
C ASN B 324 -1.58 -3.03 -10.77
N ARG B 325 -2.77 -3.57 -10.49
CA ARG B 325 -4.04 -2.93 -10.82
C ARG B 325 -4.08 -1.51 -10.29
N VAL B 326 -4.54 -0.60 -11.14
CA VAL B 326 -4.79 0.78 -10.72
C VAL B 326 -6.21 0.82 -10.14
N SER B 327 -6.32 0.79 -8.82
CA SER B 327 -7.61 0.63 -8.15
C SER B 327 -8.28 1.95 -7.81
N CYS B 328 -7.54 3.05 -7.82
CA CYS B 328 -8.06 4.33 -7.37
C CYS B 328 -7.37 5.45 -8.12
N LEU B 329 -8.05 6.60 -8.21
CA LEU B 329 -7.56 7.70 -9.02
C LEU B 329 -8.43 8.92 -8.79
N GLY B 330 -7.80 10.09 -8.74
CA GLY B 330 -8.52 11.32 -8.49
C GLY B 330 -7.74 12.57 -8.86
N VAL B 331 -8.44 13.65 -9.15
CA VAL B 331 -7.84 14.91 -9.61
C VAL B 331 -8.10 15.99 -8.56
N THR B 332 -7.09 16.81 -8.31
CA THR B 332 -7.22 17.88 -7.32
C THR B 332 -8.31 18.86 -7.73
N ASP B 333 -9.01 19.40 -6.74
CA ASP B 333 -9.96 20.47 -7.02
C ASP B 333 -9.26 21.65 -7.68
N ASP B 334 -8.01 21.90 -7.32
CA ASP B 334 -7.20 22.91 -7.98
C ASP B 334 -6.84 22.52 -9.41
N GLY B 335 -6.71 21.22 -9.69
CA GLY B 335 -6.43 20.74 -11.03
C GLY B 335 -4.97 20.61 -11.39
N MET B 336 -4.06 20.77 -10.42
CA MET B 336 -2.64 20.79 -10.75
C MET B 336 -2.07 19.38 -10.92
N ALA B 337 -2.71 18.37 -10.34
CA ALA B 337 -2.08 17.06 -10.28
C ALA B 337 -3.14 15.97 -10.28
N VAL B 338 -2.70 14.76 -10.61
CA VAL B 338 -3.54 13.56 -10.61
C VAL B 338 -2.85 12.53 -9.73
N ALA B 339 -3.59 11.98 -8.77
CA ALA B 339 -3.08 10.90 -7.95
C ALA B 339 -3.63 9.57 -8.45
N THR B 340 -2.84 8.51 -8.29
CA THR B 340 -3.21 7.20 -8.81
C THR B 340 -2.67 6.14 -7.87
N GLY B 341 -3.55 5.52 -7.10
CA GLY B 341 -3.18 4.42 -6.23
C GLY B 341 -3.45 3.08 -6.91
N SER B 342 -2.61 2.10 -6.58
CA SER B 342 -2.69 0.79 -7.22
C SER B 342 -2.54 -0.29 -6.16
N TRP B 343 -2.81 -1.53 -6.58
CA TRP B 343 -2.61 -2.66 -5.69
C TRP B 343 -1.14 -2.94 -5.43
N ASP B 344 -0.24 -2.22 -6.11
CA ASP B 344 1.18 -2.32 -5.81
C ASP B 344 1.53 -1.77 -4.44
N SER B 345 0.60 -1.08 -3.79
CA SER B 345 0.75 -0.43 -2.48
C SER B 345 1.42 0.92 -2.57
N PHE B 346 1.76 1.39 -3.77
CA PHE B 346 2.33 2.72 -3.96
C PHE B 346 1.28 3.66 -4.51
N LEU B 347 1.42 4.94 -4.16
CA LEU B 347 0.52 5.99 -4.59
C LEU B 347 1.38 7.08 -5.24
N LYS B 348 1.04 7.45 -6.48
CA LYS B 348 1.87 8.32 -7.28
C LYS B 348 1.08 9.54 -7.71
N ILE B 349 1.74 10.69 -7.72
CA ILE B 349 1.14 11.94 -8.17
C ILE B 349 1.70 12.26 -9.55
N TRP B 350 0.83 12.36 -10.54
CA TRP B 350 1.20 12.62 -11.91
C TRP B 350 0.94 14.07 -12.26
N ASN B 351 1.75 14.66 -13.15
CA ASN B 351 1.61 16.07 -13.52
C ASN B 351 2.21 16.29 -14.89
N VAL C 1 -7.74 18.62 29.36
CA VAL C 1 -6.27 18.79 29.10
C VAL C 1 -5.67 19.64 30.20
N GLN C 2 -4.63 19.13 30.85
CA GLN C 2 -3.99 19.83 31.96
C GLN C 2 -2.49 19.56 31.94
N LEU C 3 -1.72 20.63 32.13
CA LEU C 3 -0.28 20.55 32.33
C LEU C 3 0.05 21.23 33.64
N VAL C 4 0.47 20.45 34.62
CA VAL C 4 0.78 20.96 35.96
C VAL C 4 2.25 20.71 36.24
N GLU C 5 2.97 21.78 36.57
CA GLU C 5 4.39 21.67 36.89
C GLU C 5 4.57 21.35 38.37
N SER C 6 5.80 21.00 38.74
CA SER C 6 6.14 20.77 40.13
C SER C 6 7.57 21.25 40.38
N GLY C 7 7.85 21.54 41.64
CA GLY C 7 9.15 22.06 42.03
C GLY C 7 9.07 23.50 42.48
N GLY C 8 9.99 24.34 42.01
CA GLY C 8 9.95 25.74 42.35
C GLY C 8 10.37 26.08 43.75
N GLY C 9 11.12 25.20 44.41
CA GLY C 9 11.60 25.49 45.74
C GLY C 9 12.75 26.47 45.74
N LEU C 10 13.05 26.99 46.93
CA LEU C 10 14.16 27.92 47.08
C LEU C 10 15.47 27.20 46.83
N VAL C 11 16.39 27.90 46.17
CA VAL C 11 17.71 27.37 45.85
C VAL C 11 18.75 28.45 46.12
N GLN C 12 19.85 28.06 46.76
CA GLN C 12 20.96 28.98 46.91
C GLN C 12 21.75 29.06 45.62
N PRO C 13 22.43 30.18 45.38
CA PRO C 13 23.23 30.30 44.14
C PRO C 13 24.25 29.18 44.05
N GLY C 14 24.41 28.63 42.84
CA GLY C 14 25.28 27.50 42.63
C GLY C 14 24.66 26.16 42.95
N GLY C 15 23.40 26.12 43.35
CA GLY C 15 22.74 24.88 43.67
C GLY C 15 22.18 24.19 42.43
N SER C 16 21.33 23.20 42.69
CA SER C 16 20.70 22.43 41.63
C SER C 16 19.29 22.04 42.05
N ARG C 17 18.39 21.94 41.06
CA ARG C 17 17.02 21.51 41.31
C ARG C 17 16.43 21.01 40.00
N LYS C 18 15.47 20.10 40.12
CA LYS C 18 14.79 19.51 38.98
C LYS C 18 13.32 19.90 39.00
N LEU C 19 12.84 20.47 37.90
CA LEU C 19 11.41 20.72 37.73
C LEU C 19 10.78 19.59 36.94
N SER C 20 9.52 19.31 37.24
CA SER C 20 8.79 18.23 36.58
C SER C 20 7.41 18.72 36.16
N CYS C 21 6.94 18.19 35.03
CA CYS C 21 5.62 18.47 34.50
C CYS C 21 4.83 17.18 34.38
N SER C 22 3.58 17.22 34.82
CA SER C 22 2.67 16.08 34.70
C SER C 22 1.62 16.40 33.66
N ALA C 23 1.54 15.58 32.61
CA ALA C 23 0.62 15.79 31.51
C ALA C 23 -0.50 14.76 31.57
N SER C 24 -1.73 15.24 31.39
CA SER C 24 -2.89 14.38 31.43
C SER C 24 -3.96 14.94 30.50
N GLY C 25 -4.78 14.05 29.95
CA GLY C 25 -5.86 14.45 29.09
C GLY C 25 -5.52 14.59 27.62
N PHE C 26 -4.27 14.31 27.24
CA PHE C 26 -3.88 14.35 25.83
C PHE C 26 -2.72 13.38 25.61
N ALA C 27 -2.52 13.03 24.34
CA ALA C 27 -1.52 12.04 23.95
C ALA C 27 -0.12 12.67 24.04
N PHE C 28 0.42 12.66 25.26
CA PHE C 28 1.70 13.31 25.51
C PHE C 28 2.81 12.74 24.64
N SER C 29 2.66 11.50 24.18
CA SER C 29 3.74 10.86 23.43
C SER C 29 4.05 11.61 22.14
N SER C 30 3.04 12.21 21.50
CA SER C 30 3.20 12.81 20.19
C SER C 30 3.18 14.34 20.22
N PHE C 31 3.57 14.94 21.34
CA PHE C 31 3.64 16.40 21.48
C PHE C 31 5.06 16.81 21.82
N GLY C 32 5.63 17.72 21.04
CA GLY C 32 6.87 18.36 21.42
C GLY C 32 6.61 19.35 22.55
N MET C 33 7.51 19.37 23.53
CA MET C 33 7.33 20.18 24.72
C MET C 33 8.42 21.23 24.84
N HIS C 34 8.04 22.43 25.25
CA HIS C 34 8.95 23.55 25.42
C HIS C 34 8.94 24.02 26.87
N TRP C 35 10.08 24.52 27.33
CA TRP C 35 10.19 25.20 28.60
C TRP C 35 10.36 26.69 28.34
N VAL C 36 9.45 27.50 28.89
CA VAL C 36 9.47 28.94 28.69
C VAL C 36 9.47 29.59 30.06
N ARG C 37 10.49 30.40 30.33
CA ARG C 37 10.61 31.09 31.61
C ARG C 37 10.11 32.53 31.47
N GLN C 38 9.78 33.12 32.61
CA GLN C 38 9.33 34.50 32.65
C GLN C 38 9.94 35.15 33.89
N ALA C 39 10.96 35.98 33.69
CA ALA C 39 11.58 36.66 34.81
C ALA C 39 10.58 37.62 35.43
N PRO C 40 10.76 37.97 36.71
CA PRO C 40 9.77 38.81 37.40
C PRO C 40 9.50 40.10 36.65
N GLU C 41 8.22 40.42 36.47
CA GLU C 41 7.78 41.71 35.93
C GLU C 41 8.50 42.06 34.64
N LYS C 42 8.65 41.09 33.73
CA LYS C 42 9.19 41.37 32.40
C LYS C 42 8.77 40.23 31.47
N GLY C 43 9.31 40.24 30.25
CA GLY C 43 8.83 39.38 29.20
C GLY C 43 9.33 37.95 29.30
N LEU C 44 8.88 37.14 28.35
CA LEU C 44 9.18 35.72 28.33
C LEU C 44 10.55 35.47 27.68
N GLU C 45 11.07 34.26 27.88
CA GLU C 45 12.31 33.83 27.25
C GLU C 45 12.25 32.32 27.09
N TRP C 46 12.68 31.83 25.93
CA TRP C 46 12.63 30.41 25.62
C TRP C 46 13.84 29.71 26.20
N VAL C 47 13.61 28.56 26.83
CA VAL C 47 14.65 27.88 27.61
C VAL C 47 15.12 26.60 26.93
N ALA C 48 14.20 25.71 26.56
CA ALA C 48 14.60 24.44 25.99
C ALA C 48 13.42 23.80 25.27
N TYR C 49 13.73 22.79 24.46
CA TYR C 49 12.73 22.09 23.67
C TYR C 49 13.19 20.66 23.44
N ILE C 50 12.25 19.72 23.55
CA ILE C 50 12.51 18.31 23.29
C ILE C 50 11.40 17.79 22.37
N SER C 51 11.79 17.30 21.19
CA SER C 51 10.81 16.88 20.20
C SER C 51 10.15 15.58 20.63
N SER C 52 9.03 15.27 19.96
CA SER C 52 8.35 14.00 20.21
C SER C 52 9.28 12.84 19.88
N GLY C 53 9.35 11.86 20.78
CA GLY C 53 10.29 10.79 20.62
C GLY C 53 11.70 11.10 21.06
N SER C 54 11.93 12.30 21.59
CA SER C 54 13.25 12.71 22.09
C SER C 54 14.31 12.71 21.00
N GLY C 55 13.90 12.81 19.74
CA GLY C 55 14.85 12.79 18.65
C GLY C 55 15.64 14.08 18.48
N THR C 56 15.12 15.20 18.99
CA THR C 56 15.79 16.49 18.87
C THR C 56 15.69 17.23 20.19
N ILE C 57 16.77 17.88 20.58
CA ILE C 57 16.82 18.67 21.80
C ILE C 57 17.54 19.98 21.50
N TYR C 58 16.99 21.09 21.98
CA TYR C 58 17.58 22.40 21.79
C TYR C 58 17.58 23.15 23.11
N TYR C 59 18.53 24.08 23.23
CA TYR C 59 18.64 24.92 24.41
C TYR C 59 19.01 26.34 23.99
N ALA C 60 18.64 27.29 24.84
CA ALA C 60 19.13 28.65 24.67
C ALA C 60 20.57 28.75 25.16
N ASP C 61 21.34 29.64 24.53
CA ASP C 61 22.73 29.82 24.94
C ASP C 61 22.84 30.28 26.38
N THR C 62 21.78 30.83 26.96
CA THR C 62 21.81 31.21 28.36
C THR C 62 21.93 29.99 29.27
N VAL C 63 21.53 28.81 28.80
CA VAL C 63 21.50 27.62 29.65
C VAL C 63 22.16 26.44 28.96
N LYS C 64 22.63 26.62 27.74
CA LYS C 64 23.20 25.50 26.98
C LYS C 64 24.32 24.85 27.78
N GLY C 65 24.15 23.57 28.10
CA GLY C 65 25.11 22.84 28.90
C GLY C 65 24.92 22.97 30.39
N ARG C 66 24.09 23.91 30.84
CA ARG C 66 23.82 24.10 32.26
C ARG C 66 22.50 23.47 32.66
N PHE C 67 21.53 23.41 31.74
CA PHE C 67 20.26 22.72 31.95
C PHE C 67 20.22 21.45 31.12
N THR C 68 19.28 20.58 31.44
CA THR C 68 19.07 19.35 30.69
C THR C 68 17.59 18.99 30.73
N ILE C 69 17.02 18.71 29.57
CA ILE C 69 15.60 18.44 29.42
C ILE C 69 15.42 16.97 29.05
N SER C 70 14.49 16.31 29.74
CA SER C 70 14.19 14.91 29.49
C SER C 70 12.69 14.69 29.66
N ARG C 71 12.17 13.67 28.99
CA ARG C 71 10.75 13.36 29.05
C ARG C 71 10.58 11.86 29.28
N ASP C 72 9.72 11.51 30.22
CA ASP C 72 9.39 10.12 30.52
C ASP C 72 8.05 9.83 29.87
N ASP C 73 8.09 9.51 28.57
CA ASP C 73 6.86 9.33 27.80
C ASP C 73 5.91 8.31 28.39
N PRO C 74 6.36 7.13 28.83
CA PRO C 74 5.42 6.16 29.42
C PRO C 74 4.67 6.69 30.63
N LYS C 75 5.27 7.60 31.39
CA LYS C 75 4.62 8.18 32.57
C LYS C 75 4.09 9.58 32.32
N ASN C 76 4.16 10.07 31.08
CA ASN C 76 3.60 11.37 30.72
C ASN C 76 4.18 12.48 31.60
N THR C 77 5.50 12.44 31.81
CA THR C 77 6.17 13.40 32.66
C THR C 77 7.36 14.01 31.92
N LEU C 78 7.52 15.32 32.08
CA LEU C 78 8.62 16.06 31.50
C LEU C 78 9.46 16.69 32.61
N PHE C 79 10.78 16.64 32.43
CA PHE C 79 11.72 17.09 33.44
C PHE C 79 12.68 18.13 32.89
N LEU C 80 13.07 19.09 33.73
CA LEU C 80 14.12 20.04 33.43
C LEU C 80 15.08 20.05 34.61
N GLN C 81 16.29 19.55 34.40
CA GLN C 81 17.30 19.45 35.45
C GLN C 81 18.32 20.57 35.28
N MET C 82 18.51 21.36 36.33
CA MET C 82 19.46 22.47 36.32
C MET C 82 20.58 22.15 37.30
N THR C 83 21.82 22.37 36.87
CA THR C 83 22.97 21.97 37.66
C THR C 83 23.50 23.10 38.54
N SER C 84 23.53 24.34 38.03
CA SER C 84 24.08 25.47 38.77
C SER C 84 23.13 26.66 38.59
N LEU C 85 22.35 26.94 39.63
CA LEU C 85 21.41 28.04 39.58
C LEU C 85 22.11 29.36 39.88
N ARG C 86 21.94 30.33 38.99
CA ARG C 86 22.41 31.69 39.19
C ARG C 86 21.25 32.59 39.56
N SER C 87 21.57 33.80 40.03
CA SER C 87 20.54 34.78 40.33
C SER C 87 19.74 35.13 39.08
N GLU C 88 20.38 35.03 37.91
CA GLU C 88 19.70 35.35 36.66
C GLU C 88 18.61 34.34 36.33
N ASP C 89 18.68 33.14 36.90
CA ASP C 89 17.72 32.08 36.58
C ASP C 89 16.38 32.26 37.29
N THR C 90 16.28 33.14 38.28
CA THR C 90 15.03 33.34 38.99
C THR C 90 13.93 33.75 38.02
N ALA C 91 12.90 32.92 37.89
CA ALA C 91 11.83 33.19 36.94
C ALA C 91 10.77 32.10 37.09
N MET C 92 9.57 32.40 36.60
CA MET C 92 8.48 31.43 36.57
C MET C 92 8.58 30.63 35.28
N TYR C 93 8.59 29.30 35.42
CA TYR C 93 8.82 28.40 34.30
C TYR C 93 7.50 27.76 33.87
N TYR C 94 7.12 27.98 32.62
CA TYR C 94 5.95 27.35 32.04
C TYR C 94 6.38 26.19 31.15
N CYS C 95 5.49 25.22 30.98
CA CYS C 95 5.67 24.14 30.02
C CYS C 95 4.63 24.29 28.92
N VAL C 96 5.08 24.32 27.67
CA VAL C 96 4.23 24.67 26.53
C VAL C 96 4.11 23.46 25.62
N ARG C 97 2.86 23.13 25.28
CA ARG C 97 2.57 22.04 24.37
C ARG C 97 2.73 22.51 22.92
N SER C 98 3.19 21.61 22.05
CA SER C 98 3.35 21.96 20.64
C SER C 98 3.44 20.69 19.82
N ILE C 99 2.63 20.63 18.75
CA ILE C 99 2.64 19.51 17.81
C ILE C 99 2.86 20.08 16.41
N TYR C 100 3.75 19.43 15.65
CA TYR C 100 4.18 19.95 14.36
C TYR C 100 3.73 19.01 13.24
N TYR C 101 2.82 19.49 12.42
CA TYR C 101 2.47 18.85 11.15
C TYR C 101 1.74 19.90 10.32
N TYR C 102 1.55 19.60 9.03
CA TYR C 102 0.93 20.58 8.15
C TYR C 102 -0.43 21.01 8.70
N GLY C 103 -0.58 22.30 8.99
CA GLY C 103 -1.83 22.83 9.48
C GLY C 103 -1.98 22.83 10.98
N SER C 104 -1.02 22.28 11.72
CA SER C 104 -1.12 22.24 13.17
C SER C 104 -1.02 23.65 13.75
N SER C 105 -1.24 23.75 15.05
CA SER C 105 -1.15 25.02 15.76
C SER C 105 -0.26 24.87 16.99
N PRO C 106 1.06 24.83 16.82
CA PRO C 106 1.95 24.62 17.96
C PRO C 106 1.83 25.74 18.97
N PHE C 107 2.38 25.50 20.16
CA PHE C 107 2.37 26.44 21.27
C PHE C 107 0.96 26.74 21.75
N ASP C 108 0.00 25.84 21.50
CA ASP C 108 -1.40 26.15 21.75
C ASP C 108 -1.72 26.19 23.25
N PHE C 109 -1.24 25.20 24.01
CA PHE C 109 -1.60 25.08 25.41
C PHE C 109 -0.35 25.27 26.28
N TRP C 110 -0.48 26.08 27.31
CA TRP C 110 0.59 26.36 28.26
C TRP C 110 0.23 25.80 29.63
N GLY C 111 1.24 25.41 30.39
CA GLY C 111 1.02 24.90 31.73
C GLY C 111 0.72 26.02 32.70
N GLN C 112 0.54 25.63 33.96
CA GLN C 112 0.23 26.60 35.01
C GLN C 112 1.45 27.41 35.41
N GLY C 113 2.63 26.79 35.49
CA GLY C 113 3.84 27.50 35.84
C GLY C 113 4.16 27.49 37.31
N THR C 114 5.46 27.53 37.64
CA THR C 114 5.92 27.54 39.02
C THR C 114 7.04 28.56 39.17
N THR C 115 7.12 29.16 40.36
CA THR C 115 8.11 30.19 40.62
C THR C 115 9.37 29.56 41.22
N LEU C 116 10.50 29.74 40.54
CA LEU C 116 11.79 29.30 41.06
C LEU C 116 12.54 30.53 41.55
N THR C 117 12.69 30.64 42.86
CA THR C 117 13.31 31.81 43.49
C THR C 117 14.73 31.45 43.89
N VAL C 118 15.68 32.27 43.45
CA VAL C 118 17.10 32.08 43.75
C VAL C 118 17.67 33.41 44.21
N SER C 119 18.47 33.38 45.26
CA SER C 119 19.10 34.60 45.79
C SER C 119 19.96 35.26 44.72
N SER C 136 23.40 35.42 14.69
CA SER C 136 22.86 35.61 16.03
C SER C 136 21.37 35.38 16.06
N ASP C 137 20.79 35.36 17.26
CA ASP C 137 19.37 35.09 17.43
C ASP C 137 18.54 36.25 16.87
N ILE C 138 17.30 35.93 16.49
CA ILE C 138 16.42 36.94 15.94
C ILE C 138 16.06 37.95 17.01
N VAL C 139 15.99 39.23 16.63
CA VAL C 139 15.59 40.27 17.56
C VAL C 139 14.15 40.67 17.25
N MET C 140 13.26 40.44 18.20
CA MET C 140 11.86 40.80 18.08
C MET C 140 11.56 41.92 19.05
N THR C 141 11.01 43.02 18.54
CA THR C 141 10.83 44.24 19.32
C THR C 141 9.39 44.73 19.23
N GLN C 142 8.86 45.17 20.37
CA GLN C 142 7.57 45.84 20.45
C GLN C 142 7.82 47.19 21.12
N ALA C 143 7.89 48.26 20.31
CA ALA C 143 8.29 49.55 20.85
C ALA C 143 7.29 50.07 21.87
N THR C 144 6.00 49.76 21.70
CA THR C 144 4.96 50.29 22.56
C THR C 144 4.88 49.47 23.84
N SER C 145 5.17 50.10 24.98
CA SER C 145 5.12 49.39 26.26
C SER C 145 3.68 49.19 26.74
N SER C 146 2.82 50.18 26.49
CA SER C 146 1.45 50.12 26.97
C SER C 146 0.55 50.91 26.03
N VAL C 147 -0.75 50.62 26.10
CA VAL C 147 -1.74 51.27 25.25
C VAL C 147 -3.05 51.39 26.02
N PRO C 148 -3.39 52.57 26.56
CA PRO C 148 -4.71 52.73 27.17
C PRO C 148 -5.82 52.43 26.16
N VAL C 149 -6.88 51.79 26.63
CA VAL C 149 -7.99 51.37 25.79
C VAL C 149 -9.26 51.32 26.65
N THR C 150 -10.39 51.16 25.99
CA THR C 150 -11.69 51.01 26.64
C THR C 150 -12.50 49.97 25.87
N PRO C 151 -13.45 49.32 26.53
CA PRO C 151 -14.27 48.32 25.83
C PRO C 151 -15.05 48.96 24.69
N GLY C 152 -15.21 48.19 23.61
CA GLY C 152 -15.99 48.61 22.46
C GLY C 152 -15.22 49.25 21.34
N GLU C 153 -13.95 49.59 21.54
CA GLU C 153 -13.14 50.23 20.50
C GLU C 153 -12.10 49.26 19.96
N SER C 154 -11.61 49.57 18.76
CA SER C 154 -10.57 48.77 18.15
C SER C 154 -9.19 49.29 18.54
N VAL C 155 -8.23 48.36 18.64
CA VAL C 155 -6.87 48.69 19.00
C VAL C 155 -5.93 47.81 18.19
N SER C 156 -4.73 48.32 17.96
CA SER C 156 -3.73 47.63 17.15
C SER C 156 -2.42 47.51 17.91
N ILE C 157 -1.78 46.35 17.82
CA ILE C 157 -0.48 46.09 18.39
C ILE C 157 0.47 45.70 17.27
N SER C 158 1.68 46.26 17.29
CA SER C 158 2.63 46.09 16.21
C SER C 158 3.95 45.57 16.74
N CYS C 159 4.73 44.96 15.85
CA CYS C 159 6.04 44.43 16.20
C CYS C 159 6.92 44.43 14.96
N ARG C 160 8.22 44.29 15.18
CA ARG C 160 9.19 44.23 14.09
C ARG C 160 10.16 43.08 14.34
N SER C 161 10.77 42.61 13.26
CA SER C 161 11.73 41.51 13.30
C SER C 161 12.95 41.88 12.47
N SER C 162 14.13 41.44 12.93
CA SER C 162 15.35 41.69 12.19
C SER C 162 15.30 41.04 10.81
N LYS C 163 15.23 39.70 10.78
CA LYS C 163 15.05 39.00 9.52
C LYS C 163 13.57 39.04 9.10
N SER C 164 13.34 38.75 7.83
CA SER C 164 11.98 38.59 7.34
C SER C 164 11.51 37.17 7.63
N LEU C 165 10.47 37.06 8.46
CA LEU C 165 9.97 35.74 8.87
C LEU C 165 9.30 34.98 7.73
N LEU C 166 9.03 35.63 6.60
CA LEU C 166 8.40 34.96 5.47
C LEU C 166 9.39 33.96 4.89
N HIS C 167 9.18 32.68 5.17
CA HIS C 167 10.05 31.63 4.65
C HIS C 167 9.71 31.34 3.19
N SER C 168 10.65 30.67 2.51
CA SER C 168 10.45 30.35 1.11
C SER C 168 9.22 29.50 0.88
N ASN C 169 8.74 28.79 1.91
CA ASN C 169 7.53 28.00 1.80
C ASN C 169 6.27 28.85 1.71
N GLY C 170 6.39 30.16 1.92
CA GLY C 170 5.25 31.05 1.91
C GLY C 170 4.66 31.33 3.27
N ASN C 171 5.03 30.55 4.29
CA ASN C 171 4.48 30.73 5.63
C ASN C 171 5.25 31.80 6.38
N THR C 172 4.54 32.59 7.18
CA THR C 172 5.14 33.67 7.97
C THR C 172 5.09 33.22 9.44
N TYR C 173 6.22 32.71 9.93
CA TYR C 173 6.28 32.10 11.26
C TYR C 173 6.29 33.17 12.36
N LEU C 174 5.15 33.83 12.52
CA LEU C 174 4.95 34.81 13.58
C LEU C 174 3.74 34.39 14.42
N TYR C 175 3.94 34.31 15.73
CA TYR C 175 2.92 33.88 16.66
C TYR C 175 2.60 35.02 17.63
N TRP C 176 1.35 35.07 18.08
CA TRP C 176 0.90 36.06 19.04
C TRP C 176 0.35 35.37 20.27
N PHE C 177 0.68 35.89 21.45
CA PHE C 177 0.24 35.32 22.71
C PHE C 177 -0.33 36.43 23.59
N LEU C 178 -1.29 36.06 24.45
CA LEU C 178 -1.89 36.98 25.40
C LEU C 178 -1.77 36.38 26.80
N GLN C 179 -1.30 37.18 27.74
CA GLN C 179 -1.15 36.78 29.13
C GLN C 179 -2.00 37.70 30.00
N ARG C 180 -3.15 37.20 30.44
CA ARG C 180 -3.99 37.97 31.34
C ARG C 180 -3.36 38.03 32.73
N PRO C 181 -3.64 39.09 33.49
CA PRO C 181 -3.02 39.20 34.82
C PRO C 181 -3.42 38.04 35.71
N GLY C 182 -2.42 37.22 36.06
CA GLY C 182 -2.65 36.06 36.90
C GLY C 182 -2.91 34.78 36.15
N GLN C 183 -2.64 34.73 34.84
CA GLN C 183 -2.80 33.53 34.05
C GLN C 183 -1.54 33.30 33.22
N SER C 184 -1.42 32.08 32.69
CA SER C 184 -0.36 31.77 31.77
C SER C 184 -0.71 32.27 30.37
N PRO C 185 0.29 32.49 29.52
CA PRO C 185 0.00 32.99 28.18
C PRO C 185 -0.90 32.05 27.39
N GLN C 186 -1.73 32.65 26.53
CA GLN C 186 -2.66 31.92 25.69
C GLN C 186 -2.39 32.26 24.23
N LEU C 187 -2.50 31.26 23.37
CA LEU C 187 -2.24 31.46 21.95
C LEU C 187 -3.40 32.21 21.30
N LEU C 188 -3.09 33.29 20.59
CA LEU C 188 -4.10 34.02 19.83
C LEU C 188 -4.03 33.66 18.35
N ILE C 189 -2.88 33.88 17.72
CA ILE C 189 -2.71 33.72 16.29
C ILE C 189 -1.40 32.98 16.03
N TYR C 190 -1.45 31.98 15.15
CA TYR C 190 -0.27 31.24 14.76
C TYR C 190 0.00 31.45 13.28
N ARG C 191 1.25 31.76 12.96
CA ARG C 191 1.70 32.03 11.61
C ARG C 191 0.99 33.25 11.01
N MET C 192 0.76 34.23 11.88
CA MET C 192 0.45 35.60 11.51
C MET C 192 -0.98 35.82 11.01
N SER C 193 -1.72 34.76 10.73
CA SER C 193 -3.09 34.94 10.24
C SER C 193 -4.11 33.97 10.81
N ASN C 194 -3.71 32.88 11.44
CA ASN C 194 -4.64 31.81 11.81
C ASN C 194 -5.03 31.93 13.27
N LEU C 195 -6.33 32.12 13.52
CA LEU C 195 -6.83 32.17 14.88
C LEU C 195 -6.77 30.79 15.52
N ALA C 196 -6.35 30.75 16.78
CA ALA C 196 -6.30 29.50 17.52
C ALA C 196 -7.70 29.08 17.95
N SER C 197 -7.85 27.79 18.26
CA SER C 197 -9.14 27.28 18.70
C SER C 197 -9.58 27.97 19.98
N GLY C 198 -10.86 28.36 20.01
CA GLY C 198 -11.41 29.04 21.15
C GLY C 198 -11.19 30.53 21.18
N VAL C 199 -10.44 31.07 20.21
CA VAL C 199 -10.21 32.52 20.15
C VAL C 199 -11.35 33.16 19.38
N PRO C 200 -12.04 34.17 19.94
CA PRO C 200 -13.13 34.81 19.20
C PRO C 200 -12.62 35.52 17.96
N ASP C 201 -13.50 35.61 16.96
CA ASP C 201 -13.16 36.20 15.66
C ASP C 201 -12.87 37.70 15.75
N ARG C 202 -12.90 38.30 16.93
CA ARG C 202 -12.59 39.72 17.05
C ARG C 202 -11.11 40.02 16.83
N PHE C 203 -10.26 39.01 16.95
CA PHE C 203 -8.83 39.19 16.73
C PHE C 203 -8.46 38.92 15.28
N SER C 204 -7.45 39.62 14.80
CA SER C 204 -6.94 39.43 13.45
C SER C 204 -5.47 39.80 13.43
N GLY C 205 -4.76 39.28 12.44
CA GLY C 205 -3.33 39.51 12.32
C GLY C 205 -2.92 39.70 10.88
N SER C 206 -1.84 40.45 10.68
CA SER C 206 -1.32 40.72 9.34
C SER C 206 0.13 41.17 9.48
N GLY C 207 0.81 41.22 8.35
CA GLY C 207 2.20 41.65 8.34
C GLY C 207 2.77 41.57 6.94
N SER C 208 3.90 42.26 6.77
CA SER C 208 4.59 42.30 5.48
C SER C 208 5.75 41.32 5.41
N GLY C 209 5.95 40.50 6.44
CA GLY C 209 7.09 39.61 6.52
C GLY C 209 8.21 40.11 7.40
N THR C 210 8.27 41.42 7.66
CA THR C 210 9.22 41.99 8.60
C THR C 210 8.57 42.90 9.64
N ALA C 211 7.42 43.49 9.32
CA ALA C 211 6.64 44.26 10.28
C ALA C 211 5.24 43.67 10.33
N PHE C 212 4.70 43.53 11.54
CA PHE C 212 3.44 42.85 11.74
C PHE C 212 2.57 43.67 12.68
N THR C 213 1.26 43.46 12.58
CA THR C 213 0.29 44.14 13.42
C THR C 213 -0.78 43.15 13.87
N LEU C 214 -1.18 43.27 15.14
CA LEU C 214 -2.30 42.52 15.68
C LEU C 214 -3.43 43.50 16.01
N THR C 215 -4.65 43.12 15.67
CA THR C 215 -5.80 44.01 15.79
C THR C 215 -6.95 43.31 16.49
N ILE C 216 -7.59 44.03 17.41
CA ILE C 216 -8.82 43.60 18.05
C ILE C 216 -9.94 44.49 17.54
N SER C 217 -10.94 43.88 16.90
CA SER C 217 -12.03 44.66 16.30
C SER C 217 -12.80 45.45 17.35
N ARG C 218 -13.27 44.77 18.38
CA ARG C 218 -14.01 45.41 19.47
C ARG C 218 -13.53 44.82 20.79
N LEU C 219 -13.09 45.70 21.67
CA LEU C 219 -12.44 45.29 22.90
C LEU C 219 -13.46 45.01 24.01
N GLU C 220 -13.10 44.06 24.88
CA GLU C 220 -13.85 43.76 26.08
C GLU C 220 -12.87 43.73 27.24
N ALA C 221 -13.38 43.95 28.46
CA ALA C 221 -12.50 44.03 29.62
C ALA C 221 -11.67 42.76 29.79
N GLU C 222 -12.17 41.63 29.29
CA GLU C 222 -11.43 40.37 29.36
C GLU C 222 -10.23 40.36 28.42
N ASP C 223 -10.10 41.34 27.53
CA ASP C 223 -8.97 41.41 26.61
C ASP C 223 -7.76 42.11 27.23
N VAL C 224 -7.89 42.66 28.44
CA VAL C 224 -6.78 43.37 29.06
C VAL C 224 -5.69 42.38 29.43
N GLY C 225 -4.45 42.74 29.09
CA GLY C 225 -3.33 41.88 29.39
C GLY C 225 -2.08 42.35 28.64
N VAL C 226 -1.08 41.47 28.63
CA VAL C 226 0.18 41.72 27.96
C VAL C 226 0.24 40.85 26.71
N TYR C 227 0.53 41.46 25.56
CA TYR C 227 0.57 40.77 24.29
C TYR C 227 2.02 40.56 23.87
N TYR C 228 2.37 39.32 23.56
CA TYR C 228 3.72 38.96 23.14
C TYR C 228 3.70 38.42 21.72
N CYS C 229 4.75 38.71 20.97
CA CYS C 229 4.93 38.17 19.63
C CYS C 229 6.20 37.33 19.60
N MET C 230 6.08 36.12 19.06
CA MET C 230 7.18 35.16 19.03
C MET C 230 7.42 34.71 17.61
N GLN C 231 8.69 34.59 17.25
CA GLN C 231 9.08 34.05 15.94
C GLN C 231 9.48 32.59 16.09
N HIS C 232 9.16 31.80 15.08
CA HIS C 232 9.45 30.37 15.06
C HIS C 232 10.19 29.99 13.79
N LEU C 233 11.10 30.84 13.35
CA LEU C 233 11.85 30.60 12.13
C LEU C 233 13.11 29.79 12.43
N LEU C 237 14.11 30.80 19.33
CA LEU C 237 12.74 31.29 19.45
C LEU C 237 12.68 32.43 20.44
N THR C 238 12.68 33.66 19.93
CA THR C 238 12.70 34.84 20.78
C THR C 238 11.31 35.45 20.91
N PHE C 239 11.03 36.02 22.07
CA PHE C 239 9.76 36.67 22.38
C PHE C 239 9.95 38.18 22.38
N GLY C 240 8.88 38.90 22.04
CA GLY C 240 8.91 40.35 22.13
C GLY C 240 8.86 40.83 23.56
N ALA C 241 9.22 42.11 23.73
CA ALA C 241 9.21 42.70 25.07
C ALA C 241 7.81 42.73 25.68
N GLY C 242 6.78 42.80 24.85
CA GLY C 242 5.41 42.78 25.33
C GLY C 242 4.79 44.17 25.32
N THR C 243 3.46 44.20 25.18
CA THR C 243 2.69 45.43 25.20
C THR C 243 1.55 45.27 26.19
N LYS C 244 1.43 46.20 27.13
CA LYS C 244 0.47 46.09 28.22
C LYS C 244 -0.75 46.95 27.90
N LEU C 245 -1.85 46.31 27.53
CA LEU C 245 -3.10 47.04 27.34
C LEU C 245 -3.75 47.32 28.69
N GLU C 246 -4.15 48.58 28.90
CA GLU C 246 -4.72 48.99 30.17
C GLU C 246 -6.00 49.79 29.91
N LEU C 247 -6.89 49.76 30.89
CA LEU C 247 -8.15 50.48 30.79
C LEU C 247 -8.56 51.03 32.16
N THR D 6 -48.23 -12.69 -5.25
CA THR D 6 -48.85 -11.59 -4.46
C THR D 6 -47.85 -10.49 -4.09
N ALA D 7 -46.78 -10.89 -3.39
CA ALA D 7 -45.80 -9.91 -2.91
C ALA D 7 -45.21 -9.09 -4.04
N SER D 8 -45.19 -9.62 -5.26
CA SER D 8 -44.63 -8.88 -6.39
C SER D 8 -45.54 -7.76 -6.88
N ILE D 9 -46.77 -7.67 -6.37
CA ILE D 9 -47.67 -6.62 -6.84
C ILE D 9 -47.13 -5.25 -6.46
N ALA D 10 -46.62 -5.12 -5.23
CA ALA D 10 -46.05 -3.83 -4.82
C ALA D 10 -44.83 -3.47 -5.65
N GLN D 11 -43.95 -4.44 -5.90
CA GLN D 11 -42.78 -4.19 -6.73
C GLN D 11 -43.21 -3.70 -8.11
N ALA D 12 -44.19 -4.38 -8.71
CA ALA D 12 -44.64 -3.97 -10.04
C ALA D 12 -45.24 -2.56 -10.01
N ARG D 13 -46.09 -2.26 -9.02
CA ARG D 13 -46.72 -0.94 -9.03
C ARG D 13 -45.66 0.14 -8.88
N LYS D 14 -44.73 -0.04 -7.94
CA LYS D 14 -43.74 1.01 -7.72
C LYS D 14 -42.79 1.14 -8.91
N LEU D 15 -42.49 0.03 -9.61
CA LEU D 15 -41.69 0.12 -10.82
C LEU D 15 -42.42 0.97 -11.87
N VAL D 16 -43.70 0.71 -12.08
CA VAL D 16 -44.43 1.50 -13.08
C VAL D 16 -44.56 2.95 -12.63
N GLU D 17 -44.72 3.22 -11.34
CA GLU D 17 -44.74 4.61 -10.88
C GLU D 17 -43.43 5.30 -11.18
N GLN D 18 -42.30 4.66 -10.88
CA GLN D 18 -41.01 5.25 -11.21
C GLN D 18 -40.92 5.51 -12.71
N LEU D 19 -41.46 4.58 -13.52
CA LEU D 19 -41.42 4.76 -14.97
C LEU D 19 -42.24 5.96 -15.41
N LYS D 20 -43.39 6.22 -14.79
CA LYS D 20 -44.15 7.42 -15.17
C LYS D 20 -43.34 8.68 -14.93
N MET D 21 -42.67 8.78 -13.77
CA MET D 21 -41.85 9.96 -13.49
C MET D 21 -40.71 10.06 -14.50
N GLU D 22 -40.07 8.94 -14.82
CA GLU D 22 -38.98 8.99 -15.81
C GLU D 22 -39.48 9.44 -17.17
N ALA D 23 -40.69 9.02 -17.55
CA ALA D 23 -41.23 9.39 -18.86
C ALA D 23 -41.67 10.85 -18.92
N ASN D 24 -42.33 11.33 -17.86
CA ASN D 24 -42.86 12.68 -17.86
C ASN D 24 -41.79 13.75 -17.76
N ILE D 25 -40.55 13.38 -17.42
CA ILE D 25 -39.48 14.37 -17.32
C ILE D 25 -39.18 14.93 -18.70
N ASP D 26 -38.94 16.24 -18.75
CA ASP D 26 -38.64 16.89 -20.02
C ASP D 26 -37.25 16.55 -20.50
N ARG D 27 -37.01 16.75 -21.80
CA ARG D 27 -35.74 16.45 -22.42
C ARG D 27 -35.40 17.53 -23.43
N ILE D 28 -34.11 17.63 -23.75
CA ILE D 28 -33.62 18.58 -24.76
C ILE D 28 -32.80 17.82 -25.78
N LYS D 29 -32.67 18.40 -26.96
CA LYS D 29 -31.98 17.72 -28.05
C LYS D 29 -30.49 17.60 -27.76
N VAL D 30 -29.89 16.51 -28.23
CA VAL D 30 -28.50 16.21 -27.91
C VAL D 30 -27.57 17.29 -28.41
N SER D 31 -27.95 17.97 -29.50
CA SER D 31 -27.08 19.01 -30.05
C SER D 31 -26.83 20.12 -29.04
N LYS D 32 -27.88 20.57 -28.34
CA LYS D 32 -27.70 21.60 -27.33
C LYS D 32 -26.80 21.12 -26.19
N ALA D 33 -26.96 19.86 -25.78
CA ALA D 33 -26.11 19.31 -24.74
C ALA D 33 -24.64 19.32 -25.15
N ALA D 34 -24.36 18.83 -26.36
CA ALA D 34 -22.99 18.84 -26.84
C ALA D 34 -22.44 20.25 -26.94
N ALA D 35 -23.26 21.18 -27.42
CA ALA D 35 -22.84 22.58 -27.51
C ALA D 35 -22.50 23.14 -26.13
N ASP D 36 -23.33 22.83 -25.12
CA ASP D 36 -23.06 23.32 -23.77
C ASP D 36 -21.77 22.74 -23.20
N LEU D 37 -21.55 21.44 -23.39
CA LEU D 37 -20.31 20.84 -22.89
C LEU D 37 -19.10 21.45 -23.57
N MET D 38 -19.14 21.62 -24.90
CA MET D 38 -18.01 22.22 -25.59
C MET D 38 -17.82 23.67 -25.16
N ALA D 39 -18.92 24.39 -24.91
CA ALA D 39 -18.81 25.77 -24.44
C ALA D 39 -18.10 25.83 -23.11
N TYR D 40 -18.46 24.94 -22.18
CA TYR D 40 -17.78 24.91 -20.89
C TYR D 40 -16.30 24.61 -21.06
N CYS D 41 -15.98 23.61 -21.89
CA CYS D 41 -14.58 23.24 -22.08
C CYS D 41 -13.79 24.39 -22.70
N GLU D 42 -14.35 25.05 -23.71
CA GLU D 42 -13.67 26.17 -24.35
C GLU D 42 -13.47 27.32 -23.36
N ALA D 43 -14.50 27.60 -22.55
CA ALA D 43 -14.40 28.70 -21.61
C ALA D 43 -13.33 28.45 -20.56
N HIS D 44 -13.20 27.20 -20.08
CA HIS D 44 -12.30 26.90 -18.98
C HIS D 44 -11.02 26.18 -19.41
N ALA D 45 -10.72 26.13 -20.71
CA ALA D 45 -9.49 25.48 -21.16
C ALA D 45 -8.26 26.09 -20.51
N LYS D 46 -8.16 27.42 -20.49
CA LYS D 46 -6.96 28.06 -19.97
C LYS D 46 -6.75 27.82 -18.48
N GLU D 47 -7.77 27.35 -17.78
CA GLU D 47 -7.69 27.14 -16.34
C GLU D 47 -7.39 25.69 -15.97
N ASP D 48 -6.94 24.88 -16.93
CA ASP D 48 -6.67 23.47 -16.69
C ASP D 48 -5.17 23.22 -16.79
N PRO D 49 -4.46 23.09 -15.67
CA PRO D 49 -3.02 22.82 -15.75
C PRO D 49 -2.67 21.53 -16.48
N LEU D 50 -3.49 20.49 -16.39
CA LEU D 50 -3.20 19.23 -17.06
C LEU D 50 -3.33 19.35 -18.57
N LEU D 51 -4.40 19.99 -19.05
CA LEU D 51 -4.60 20.15 -20.48
C LEU D 51 -3.46 20.95 -21.10
N THR D 52 -3.08 22.05 -20.45
CA THR D 52 -1.99 22.90 -20.89
C THR D 52 -0.94 22.96 -19.80
N PRO D 53 0.25 22.39 -19.98
CA PRO D 53 1.23 22.36 -18.89
C PRO D 53 1.53 23.77 -18.38
N VAL D 54 1.63 23.90 -17.06
CA VAL D 54 1.92 25.18 -16.42
C VAL D 54 3.43 25.40 -16.45
N PRO D 55 3.89 26.64 -16.31
CA PRO D 55 5.34 26.88 -16.26
C PRO D 55 5.96 26.11 -15.10
N ALA D 56 7.19 25.63 -15.32
CA ALA D 56 7.85 24.78 -14.33
C ALA D 56 8.02 25.47 -12.99
N SER D 57 8.00 26.80 -12.95
CA SER D 57 8.08 27.53 -11.68
C SER D 57 6.78 27.48 -10.88
N GLU D 58 5.63 27.44 -11.55
CA GLU D 58 4.35 27.39 -10.86
C GLU D 58 3.96 25.99 -10.43
N ASN D 59 4.62 24.96 -10.95
CA ASN D 59 4.31 23.59 -10.57
C ASN D 59 4.63 23.40 -9.08
N PRO D 60 3.62 23.27 -8.22
CA PRO D 60 3.91 23.10 -6.79
C PRO D 60 4.70 21.85 -6.47
N PHE D 61 4.64 20.82 -7.32
CA PHE D 61 5.30 19.56 -7.01
C PHE D 61 6.76 19.58 -7.47
N ARG D 62 7.02 20.09 -8.67
CA ARG D 62 8.38 20.35 -9.12
C ARG D 62 8.38 21.43 -10.20
N SER E 50 54.03 -36.25 -27.85
CA SER E 50 52.99 -35.58 -28.62
C SER E 50 53.00 -34.09 -28.34
N GLU E 51 53.43 -33.30 -29.32
CA GLU E 51 53.49 -31.85 -29.17
C GLU E 51 52.54 -31.17 -30.15
N HIS E 52 52.67 -31.48 -31.44
CA HIS E 52 51.83 -30.85 -32.45
C HIS E 52 50.36 -31.21 -32.23
N GLN E 53 50.06 -32.50 -32.12
CA GLN E 53 48.68 -32.92 -31.88
C GLN E 53 48.19 -32.48 -30.51
N GLN E 54 49.11 -32.38 -29.53
CA GLN E 54 48.72 -31.86 -28.22
C GLN E 54 48.23 -30.42 -28.33
N TYR E 55 48.99 -29.58 -29.04
CA TYR E 55 48.55 -28.20 -29.22
C TYR E 55 47.27 -28.14 -30.04
N VAL E 56 47.13 -29.04 -31.03
CA VAL E 56 45.92 -29.06 -31.83
C VAL E 56 44.71 -29.39 -30.98
N ILE E 57 44.82 -30.37 -30.09
CA ILE E 57 43.69 -30.72 -29.24
C ILE E 57 43.40 -29.61 -28.24
N GLY E 58 44.46 -28.94 -27.75
CA GLY E 58 44.23 -27.78 -26.90
C GLY E 58 43.44 -26.70 -27.60
N LEU E 59 43.83 -26.38 -28.84
CA LEU E 59 43.08 -25.40 -29.62
C LEU E 59 41.66 -25.88 -29.90
N PHE E 60 41.48 -27.18 -30.10
CA PHE E 60 40.15 -27.73 -30.34
C PHE E 60 39.26 -27.51 -29.12
N LEU E 61 39.79 -27.78 -27.92
CA LEU E 61 39.04 -27.53 -26.70
C LEU E 61 38.72 -26.05 -26.58
N SER E 62 39.70 -25.19 -26.86
CA SER E 62 39.48 -23.75 -26.78
C SER E 62 38.37 -23.30 -27.71
N CYS E 63 38.36 -23.79 -28.95
CA CYS E 63 37.35 -23.40 -29.92
C CYS E 63 35.98 -23.95 -29.55
N LEU E 64 35.93 -25.20 -29.09
CA LEU E 64 34.69 -25.80 -28.63
C LEU E 64 34.07 -24.95 -27.52
N TYR E 65 34.90 -24.49 -26.58
CA TYR E 65 34.39 -23.67 -25.50
C TYR E 65 33.75 -22.40 -26.04
N THR E 66 34.48 -21.64 -26.86
CA THR E 66 33.96 -20.36 -27.33
C THR E 66 32.74 -20.52 -28.22
N ILE E 67 32.59 -21.67 -28.89
CA ILE E 67 31.41 -21.86 -29.74
C ILE E 67 30.21 -22.27 -28.90
N PHE E 68 30.39 -23.19 -27.95
CA PHE E 68 29.28 -23.77 -27.21
C PHE E 68 28.95 -23.01 -25.93
N LEU E 69 29.91 -22.86 -25.02
CA LEU E 69 29.63 -22.33 -23.69
C LEU E 69 29.68 -20.81 -23.64
N PHE E 70 30.67 -20.19 -24.27
CA PHE E 70 30.83 -18.74 -24.18
C PHE E 70 29.59 -17.96 -24.57
N PRO E 71 28.95 -18.23 -25.70
CA PRO E 71 27.70 -17.50 -26.00
C PRO E 71 26.67 -17.65 -24.89
N ILE E 72 26.52 -18.87 -24.34
CA ILE E 72 25.61 -19.06 -23.21
C ILE E 72 25.98 -18.11 -22.08
N GLY E 73 27.20 -18.23 -21.57
CA GLY E 73 27.63 -17.37 -20.49
C GLY E 73 27.34 -15.91 -20.75
N PHE E 74 27.94 -15.37 -21.81
CA PHE E 74 27.85 -13.94 -22.07
C PHE E 74 26.39 -13.51 -22.25
N VAL E 75 25.70 -14.07 -23.24
CA VAL E 75 24.37 -13.59 -23.59
C VAL E 75 23.40 -13.82 -22.43
N GLY E 76 23.42 -15.01 -21.83
CA GLY E 76 22.51 -15.30 -20.74
C GLY E 76 22.73 -14.38 -19.54
N ASN E 77 23.99 -14.13 -19.20
CA ASN E 77 24.26 -13.24 -18.07
C ASN E 77 23.77 -11.83 -18.35
N ILE E 78 24.08 -11.31 -19.55
CA ILE E 78 23.66 -9.94 -19.82
C ILE E 78 22.14 -9.86 -19.88
N LEU E 79 21.50 -10.90 -20.41
CA LEU E 79 20.04 -10.92 -20.50
C LEU E 79 19.40 -10.95 -19.12
N ILE E 80 19.92 -11.80 -18.23
CA ILE E 80 19.42 -11.85 -16.86
C ILE E 80 19.56 -10.48 -16.22
N LEU E 81 20.74 -9.87 -16.36
CA LEU E 81 20.99 -8.58 -15.73
C LEU E 81 20.04 -7.51 -16.25
N VAL E 82 19.89 -7.43 -17.58
CA VAL E 82 19.07 -6.38 -18.16
C VAL E 82 17.61 -6.57 -17.82
N VAL E 83 17.13 -7.81 -17.83
CA VAL E 83 15.73 -8.07 -17.49
C VAL E 83 15.46 -7.70 -16.04
N ASN E 84 16.30 -8.19 -15.12
CA ASN E 84 16.04 -7.96 -13.71
C ASN E 84 16.28 -6.50 -13.33
N ILE E 85 17.00 -5.74 -14.17
CA ILE E 85 17.14 -4.32 -13.92
C ILE E 85 15.96 -3.55 -14.52
N SER E 86 15.53 -3.91 -15.73
CA SER E 86 14.36 -3.28 -16.33
C SER E 86 13.10 -3.53 -15.53
N PHE E 87 13.07 -4.56 -14.69
CA PHE E 87 11.95 -4.81 -13.80
C PHE E 87 12.36 -4.56 -12.35
N ARG E 88 13.08 -3.46 -12.12
CA ARG E 88 13.54 -3.13 -10.77
C ARG E 88 12.38 -3.10 -9.79
N GLU E 89 11.22 -2.59 -10.21
CA GLU E 89 10.08 -2.52 -9.29
C GLU E 89 9.60 -3.91 -8.88
N LYS E 90 9.61 -4.86 -9.80
CA LYS E 90 9.09 -6.19 -9.54
C LYS E 90 10.15 -7.15 -9.00
N MET E 91 11.35 -6.65 -8.71
CA MET E 91 12.46 -7.50 -8.28
C MET E 91 12.13 -8.13 -6.94
N THR E 92 12.35 -9.45 -6.82
CA THR E 92 12.22 -10.16 -5.57
C THR E 92 13.59 -10.40 -4.95
N ILE E 93 13.61 -11.01 -3.77
CA ILE E 93 14.88 -11.30 -3.11
C ILE E 93 15.76 -12.21 -3.94
N PRO E 94 15.27 -13.32 -4.50
CA PRO E 94 16.13 -14.13 -5.38
C PRO E 94 16.67 -13.36 -6.56
N ASP E 95 15.95 -12.35 -7.04
CA ASP E 95 16.42 -11.58 -8.17
C ASP E 95 17.70 -10.81 -7.83
N LEU E 96 17.84 -10.35 -6.59
CA LEU E 96 19.09 -9.69 -6.19
C LEU E 96 20.28 -10.63 -6.34
N TYR E 97 20.15 -11.84 -5.80
CA TYR E 97 21.23 -12.81 -5.90
C TYR E 97 21.50 -13.19 -7.35
N PHE E 98 20.45 -13.35 -8.14
CA PHE E 98 20.65 -13.66 -9.55
C PHE E 98 21.38 -12.53 -10.27
N ILE E 99 21.03 -11.29 -9.98
CA ILE E 99 21.73 -10.15 -10.57
C ILE E 99 23.21 -10.17 -10.20
N ASN E 100 23.50 -10.33 -8.90
CA ASN E 100 24.89 -10.29 -8.46
C ASN E 100 25.68 -11.43 -9.09
N LEU E 101 25.12 -12.64 -9.09
CA LEU E 101 25.82 -13.77 -9.67
C LEU E 101 25.99 -13.60 -11.17
N ALA E 102 25.01 -12.99 -11.84
CA ALA E 102 25.15 -12.71 -13.27
C ALA E 102 26.28 -11.73 -13.53
N VAL E 103 26.39 -10.69 -12.71
CA VAL E 103 27.50 -9.73 -12.87
C VAL E 103 28.83 -10.45 -12.70
N ALA E 104 28.96 -11.25 -11.64
CA ALA E 104 30.22 -11.94 -11.38
C ALA E 104 30.56 -12.89 -12.53
N ASP E 105 29.58 -13.67 -12.99
CA ASP E 105 29.85 -14.64 -14.03
C ASP E 105 30.11 -13.96 -15.37
N LEU E 106 29.47 -12.82 -15.64
CA LEU E 106 29.74 -12.08 -16.87
C LEU E 106 31.17 -11.58 -16.88
N ILE E 107 31.62 -10.99 -15.77
CA ILE E 107 33.02 -10.55 -15.68
C ILE E 107 33.95 -11.75 -15.87
N LEU E 108 33.63 -12.86 -15.20
CA LEU E 108 34.51 -14.02 -15.24
C LEU E 108 34.61 -14.60 -16.65
N VAL E 109 33.49 -14.67 -17.37
CA VAL E 109 33.52 -15.21 -18.73
C VAL E 109 34.22 -14.24 -19.68
N ALA E 110 34.03 -12.94 -19.47
CA ALA E 110 34.76 -11.96 -20.28
C ALA E 110 36.26 -12.14 -20.10
N ASP E 111 36.71 -12.34 -18.85
CA ASP E 111 38.11 -12.64 -18.62
C ASP E 111 38.52 -13.96 -19.26
N SER E 112 37.65 -14.97 -19.16
CA SER E 112 37.97 -16.29 -19.71
C SER E 112 38.20 -16.22 -21.20
N LEU E 113 37.49 -15.34 -21.90
CA LEU E 113 37.74 -15.20 -23.33
C LEU E 113 39.19 -14.82 -23.62
N ILE E 114 39.83 -14.09 -22.72
CA ILE E 114 41.24 -13.75 -22.89
C ILE E 114 42.14 -14.98 -22.72
N GLU E 115 41.89 -15.80 -21.68
CA GLU E 115 42.62 -17.06 -21.55
C GLU E 115 42.41 -17.94 -22.78
N VAL E 116 41.24 -17.84 -23.40
CA VAL E 116 40.97 -18.60 -24.62
C VAL E 116 41.93 -18.15 -25.70
N PHE E 117 42.59 -19.13 -26.34
CA PHE E 117 43.59 -18.89 -27.37
C PHE E 117 44.84 -18.20 -26.81
N ASN E 118 45.05 -18.27 -25.50
CA ASN E 118 46.27 -17.78 -24.87
C ASN E 118 46.57 -16.33 -25.22
N LEU E 119 45.55 -15.46 -25.19
CA LEU E 119 45.80 -14.04 -25.39
C LEU E 119 46.40 -13.39 -24.16
N HIS E 120 46.43 -14.09 -23.02
CA HIS E 120 46.98 -13.50 -21.80
C HIS E 120 48.49 -13.24 -21.92
N GLU E 121 49.16 -13.88 -22.88
CA GLU E 121 50.60 -13.66 -23.05
C GLU E 121 50.91 -12.26 -23.53
N ARG E 122 49.91 -11.51 -23.99
CA ARG E 122 50.16 -10.20 -24.59
C ARG E 122 50.61 -9.18 -23.56
N TYR E 123 50.09 -9.25 -22.32
CA TYR E 123 50.24 -8.15 -21.38
C TYR E 123 50.75 -8.55 -20.00
N TYR E 124 51.08 -9.81 -19.74
CA TYR E 124 51.41 -10.22 -18.38
C TYR E 124 52.61 -9.47 -17.83
N ASP E 125 53.54 -9.04 -18.69
CA ASP E 125 54.77 -8.40 -18.22
C ASP E 125 54.52 -7.03 -17.58
N ILE E 126 53.37 -6.40 -17.86
CA ILE E 126 53.05 -5.11 -17.26
C ILE E 126 52.66 -5.35 -15.81
N ALA E 127 53.49 -4.92 -14.87
CA ALA E 127 53.34 -5.33 -13.48
C ALA E 127 52.02 -4.84 -12.89
N VAL E 128 51.75 -3.54 -12.99
CA VAL E 128 50.55 -2.99 -12.37
C VAL E 128 49.30 -3.53 -13.05
N LEU E 129 49.29 -3.55 -14.38
CA LEU E 129 48.14 -4.06 -15.10
C LEU E 129 47.90 -5.53 -14.80
N CYS E 130 48.98 -6.32 -14.75
CA CYS E 130 48.84 -7.74 -14.43
C CYS E 130 48.30 -7.94 -13.03
N THR E 131 48.81 -7.17 -12.07
CA THR E 131 48.32 -7.30 -10.70
C THR E 131 46.84 -6.94 -10.61
N PHE E 132 46.45 -5.85 -11.27
CA PHE E 132 45.05 -5.44 -11.24
C PHE E 132 44.16 -6.51 -11.87
N MET E 133 44.59 -7.06 -13.01
CA MET E 133 43.78 -8.08 -13.67
C MET E 133 43.67 -9.33 -12.81
N SER E 134 44.78 -9.76 -12.21
CA SER E 134 44.74 -10.96 -11.38
C SER E 134 43.82 -10.76 -10.18
N LEU E 135 43.91 -9.60 -9.53
CA LEU E 135 43.07 -9.36 -8.36
C LEU E 135 41.60 -9.26 -8.76
N PHE E 136 41.31 -8.61 -9.90
CA PHE E 136 39.93 -8.46 -10.35
C PHE E 136 39.35 -9.81 -10.76
N LEU E 137 40.19 -10.72 -11.26
CA LEU E 137 39.72 -12.07 -11.59
C LEU E 137 39.48 -12.87 -10.31
N GLN E 138 40.40 -12.78 -9.37
CA GLN E 138 40.26 -13.56 -8.13
C GLN E 138 39.04 -13.12 -7.34
N VAL E 139 38.80 -11.81 -7.26
CA VAL E 139 37.66 -11.33 -6.50
C VAL E 139 36.37 -11.81 -7.13
N ASN E 140 36.31 -11.84 -8.47
CA ASN E 140 35.10 -12.31 -9.14
C ASN E 140 34.90 -13.81 -8.98
N MET E 141 35.97 -14.60 -9.02
CA MET E 141 35.84 -16.03 -8.76
C MET E 141 35.31 -16.26 -7.35
N TYR E 142 35.91 -15.57 -6.37
CA TYR E 142 35.46 -15.71 -4.99
C TYR E 142 34.01 -15.27 -4.85
N SER E 143 33.62 -14.19 -5.54
CA SER E 143 32.25 -13.72 -5.49
C SER E 143 31.28 -14.72 -6.08
N SER E 144 31.61 -15.34 -7.21
CA SER E 144 30.73 -16.37 -7.77
C SER E 144 30.57 -17.52 -6.79
N VAL E 145 31.67 -18.01 -6.23
CA VAL E 145 31.57 -19.13 -5.31
C VAL E 145 30.73 -18.75 -4.08
N PHE E 146 30.99 -17.57 -3.52
CA PHE E 146 30.30 -17.15 -2.31
C PHE E 146 28.83 -16.88 -2.58
N PHE E 147 28.50 -16.38 -3.78
CA PHE E 147 27.10 -16.12 -4.09
C PHE E 147 26.34 -17.41 -4.31
N LEU E 148 26.96 -18.41 -4.94
CA LEU E 148 26.31 -19.72 -5.02
C LEU E 148 26.11 -20.30 -3.63
N THR E 149 27.13 -20.21 -2.77
CA THR E 149 27.02 -20.76 -1.43
C THR E 149 25.92 -20.06 -0.63
N TRP E 150 25.85 -18.73 -0.73
CA TRP E 150 24.85 -17.97 0.01
C TRP E 150 23.46 -18.19 -0.55
N MET E 151 23.33 -18.35 -1.88
CA MET E 151 22.04 -18.65 -2.45
C MET E 151 21.54 -20.02 -2.01
N SER E 152 22.45 -20.99 -1.84
CA SER E 152 22.03 -22.27 -1.30
C SER E 152 21.44 -22.14 0.10
N PHE E 153 22.09 -21.40 0.99
CA PHE E 153 21.58 -21.18 2.34
C PHE E 153 20.27 -20.41 2.32
N ASP E 154 20.17 -19.39 1.48
CA ASP E 154 18.92 -18.64 1.39
C ASP E 154 17.79 -19.51 0.89
N ARG E 155 18.06 -20.37 -0.08
CA ARG E 155 17.06 -21.32 -0.54
C ARG E 155 16.66 -22.27 0.57
N TYR E 156 17.61 -22.73 1.37
CA TYR E 156 17.25 -23.59 2.50
C TYR E 156 16.33 -22.86 3.47
N ILE E 157 16.68 -21.63 3.82
CA ILE E 157 15.87 -20.85 4.75
C ILE E 157 14.47 -20.65 4.19
N ALA E 158 14.37 -20.31 2.91
CA ALA E 158 13.07 -20.05 2.30
C ALA E 158 12.22 -21.31 2.25
N LEU E 159 12.78 -22.41 1.75
CA LEU E 159 11.99 -23.60 1.49
C LEU E 159 11.67 -24.36 2.77
N ALA E 160 12.59 -24.39 3.73
CA ALA E 160 12.41 -25.21 4.93
C ALA E 160 11.88 -24.44 6.13
N ARG E 161 12.04 -23.11 6.15
CA ARG E 161 11.60 -22.33 7.29
C ARG E 161 10.87 -21.05 6.87
N ALA E 162 9.95 -21.15 5.90
CA ALA E 162 9.26 -19.96 5.41
C ALA E 162 8.37 -19.34 6.49
N MET E 163 7.64 -20.18 7.22
CA MET E 163 6.66 -19.68 8.18
C MET E 163 7.26 -19.38 9.55
N ARG E 164 8.56 -19.61 9.74
CA ARG E 164 9.21 -19.32 11.01
C ARG E 164 10.30 -18.27 10.89
N CYS E 165 11.00 -18.20 9.76
CA CYS E 165 12.07 -17.25 9.55
C CYS E 165 11.64 -16.05 8.70
N SER E 166 10.38 -15.61 8.83
CA SER E 166 9.92 -14.45 8.09
C SER E 166 10.59 -13.17 8.54
N LEU E 167 11.05 -13.10 9.80
CA LEU E 167 11.77 -11.92 10.27
C LEU E 167 13.05 -11.71 9.47
N PHE E 168 13.65 -12.78 8.99
CA PHE E 168 14.77 -12.70 8.06
C PHE E 168 14.19 -12.59 6.65
N ARG E 169 15.03 -12.47 5.64
CA ARG E 169 14.58 -12.45 4.25
C ARG E 169 13.79 -11.19 3.93
N THR E 170 14.29 -10.05 4.41
CA THR E 170 13.80 -8.76 3.98
C THR E 170 14.72 -8.21 2.90
N LYS E 171 14.12 -7.57 1.89
CA LYS E 171 14.90 -7.09 0.75
C LYS E 171 16.06 -6.22 1.19
N HIS E 172 15.87 -5.43 2.25
CA HIS E 172 17.00 -4.69 2.83
C HIS E 172 18.12 -5.64 3.20
N HIS E 173 17.79 -6.74 3.88
CA HIS E 173 18.81 -7.72 4.24
C HIS E 173 19.39 -8.40 3.02
N ALA E 174 18.61 -8.56 1.96
CA ALA E 174 19.15 -9.15 0.72
C ALA E 174 20.23 -8.25 0.13
N ARG E 175 19.95 -6.94 0.04
CA ARG E 175 20.95 -6.02 -0.47
C ARG E 175 22.17 -5.96 0.45
N LEU E 176 21.93 -5.98 1.77
CA LEU E 176 23.02 -6.00 2.73
C LEU E 176 23.90 -7.23 2.54
N SER E 177 23.26 -8.39 2.32
CA SER E 177 24.02 -9.62 2.13
C SER E 177 24.81 -9.60 0.83
N CYS E 178 24.24 -9.03 -0.24
CA CYS E 178 25.02 -8.90 -1.47
C CYS E 178 26.25 -8.03 -1.23
N GLY E 179 26.07 -6.90 -0.56
CA GLY E 179 27.21 -6.04 -0.26
C GLY E 179 28.25 -6.75 0.59
N LEU E 180 27.80 -7.49 1.60
CA LEU E 180 28.73 -8.18 2.48
C LEU E 180 29.46 -9.29 1.74
N ILE E 181 28.79 -9.97 0.81
CA ILE E 181 29.45 -11.00 0.02
C ILE E 181 30.54 -10.39 -0.84
N TRP E 182 30.25 -9.26 -1.49
CA TRP E 182 31.27 -8.59 -2.28
C TRP E 182 32.44 -8.16 -1.41
N MET E 183 32.14 -7.62 -0.22
CA MET E 183 33.21 -7.22 0.70
C MET E 183 34.03 -8.42 1.14
N ALA E 184 33.38 -9.55 1.39
CA ALA E 184 34.11 -10.75 1.82
C ALA E 184 35.02 -11.25 0.72
N SER E 185 34.55 -11.24 -0.53
CA SER E 185 35.41 -11.63 -1.64
C SER E 185 36.61 -10.70 -1.76
N VAL E 186 36.35 -9.38 -1.66
CA VAL E 186 37.45 -8.41 -1.74
C VAL E 186 38.46 -8.65 -0.63
N SER E 187 37.97 -8.94 0.58
CA SER E 187 38.88 -9.23 1.69
C SER E 187 39.70 -10.48 1.41
N ALA E 188 39.03 -11.57 1.05
CA ALA E 188 39.74 -12.82 0.78
C ALA E 188 40.81 -12.64 -0.28
N THR E 189 40.60 -11.73 -1.22
CA THR E 189 41.62 -11.49 -2.24
C THR E 189 42.74 -10.57 -1.73
N LEU E 190 42.39 -9.46 -1.09
CA LEU E 190 43.37 -8.42 -0.81
C LEU E 190 44.16 -8.65 0.48
N VAL E 191 43.61 -9.36 1.45
CA VAL E 191 44.30 -9.58 2.72
C VAL E 191 45.58 -10.38 2.47
N PRO E 192 45.49 -11.61 1.95
CA PRO E 192 46.74 -12.35 1.68
C PRO E 192 47.67 -11.64 0.72
N PHE E 193 47.12 -10.96 -0.27
CA PHE E 193 47.95 -10.21 -1.21
C PHE E 193 48.81 -9.18 -0.47
N THR E 194 48.17 -8.35 0.35
CA THR E 194 48.90 -7.33 1.09
C THR E 194 49.89 -7.96 2.07
N ALA E 195 49.44 -9.00 2.78
CA ALA E 195 50.32 -9.64 3.76
C ALA E 195 51.58 -10.15 3.09
N VAL E 196 51.44 -10.88 1.99
CA VAL E 196 52.59 -11.45 1.32
C VAL E 196 53.51 -10.35 0.79
N HIS E 197 52.93 -9.33 0.15
CA HIS E 197 53.76 -8.32 -0.49
C HIS E 197 54.50 -7.46 0.55
N LEU E 198 53.80 -7.07 1.63
CA LEU E 198 54.49 -6.34 2.69
C LEU E 198 55.57 -7.19 3.33
N GLN E 199 55.28 -8.46 3.58
CA GLN E 199 56.30 -9.36 4.12
C GLN E 199 57.43 -9.56 3.12
N HIS E 200 57.09 -9.73 1.85
CA HIS E 200 58.09 -9.96 0.80
C HIS E 200 58.10 -8.82 -0.20
N ASP E 210 50.41 -16.67 -5.00
CA ASP E 210 51.34 -17.66 -5.51
C ASP E 210 52.04 -18.40 -4.38
N VAL E 211 52.09 -17.77 -3.20
CA VAL E 211 52.74 -18.37 -2.05
C VAL E 211 51.94 -19.58 -1.58
N ARG E 212 52.61 -20.49 -0.89
CA ARG E 212 51.99 -21.74 -0.49
C ARG E 212 50.76 -21.50 0.38
N GLU E 213 50.90 -20.65 1.40
CA GLU E 213 49.78 -20.41 2.31
C GLU E 213 48.62 -19.74 1.61
N VAL E 214 48.91 -18.81 0.70
CA VAL E 214 47.82 -18.15 -0.04
C VAL E 214 47.08 -19.17 -0.90
N GLN E 215 47.79 -20.09 -1.52
CA GLN E 215 47.14 -21.10 -2.35
C GLN E 215 46.31 -22.06 -1.51
N TRP E 216 46.81 -22.41 -0.31
CA TRP E 216 45.99 -23.21 0.60
C TRP E 216 44.74 -22.46 1.01
N LEU E 217 44.86 -21.17 1.28
CA LEU E 217 43.68 -20.38 1.61
C LEU E 217 42.70 -20.37 0.45
N GLU E 218 43.22 -20.29 -0.78
CA GLU E 218 42.35 -20.30 -1.95
C GLU E 218 41.61 -21.63 -2.08
N VAL E 219 42.31 -22.75 -1.89
CA VAL E 219 41.64 -24.05 -2.01
C VAL E 219 40.62 -24.23 -0.90
N THR E 220 40.90 -23.67 0.29
CA THR E 220 39.95 -23.80 1.40
C THR E 220 38.71 -22.95 1.16
N LEU E 221 38.87 -21.69 0.76
CA LEU E 221 37.75 -20.77 0.62
C LEU E 221 37.08 -20.82 -0.74
N GLY E 222 37.61 -21.59 -1.69
CA GLY E 222 37.02 -21.66 -3.01
C GLY E 222 36.21 -22.91 -3.26
N PHE E 223 36.65 -24.05 -2.74
CA PHE E 223 35.95 -25.31 -2.98
C PHE E 223 35.47 -25.97 -1.70
N ILE E 224 36.34 -26.07 -0.69
CA ILE E 224 36.06 -26.96 0.43
C ILE E 224 34.85 -26.46 1.22
N VAL E 225 34.96 -25.29 1.83
CA VAL E 225 33.88 -24.76 2.66
C VAL E 225 32.65 -24.47 1.80
N PRO E 226 32.80 -23.80 0.65
CA PRO E 226 31.62 -23.56 -0.20
C PRO E 226 30.92 -24.85 -0.59
N PHE E 227 31.67 -25.89 -0.94
CA PHE E 227 31.04 -27.14 -1.34
C PHE E 227 30.38 -27.83 -0.17
N ALA E 228 30.99 -27.79 1.02
CA ALA E 228 30.36 -28.36 2.20
C ALA E 228 29.02 -27.68 2.46
N ILE E 229 29.00 -26.35 2.42
CA ILE E 229 27.78 -25.62 2.68
C ILE E 229 26.73 -25.94 1.62
N ILE E 230 27.13 -25.93 0.34
CA ILE E 230 26.18 -26.19 -0.74
C ILE E 230 25.59 -27.59 -0.60
N GLY E 231 26.45 -28.58 -0.39
CA GLY E 231 25.98 -29.94 -0.26
C GLY E 231 25.03 -30.11 0.91
N LEU E 232 25.38 -29.57 2.08
CA LEU E 232 24.53 -29.71 3.24
C LEU E 232 23.18 -29.03 3.01
N CYS E 233 23.19 -27.78 2.53
CA CYS E 233 21.95 -27.05 2.34
C CYS E 233 21.05 -27.74 1.33
N TYR E 234 21.61 -28.19 0.22
CA TYR E 234 20.77 -28.83 -0.79
C TYR E 234 20.34 -30.23 -0.39
N SER E 235 21.14 -30.95 0.40
CA SER E 235 20.68 -32.22 0.93
C SER E 235 19.55 -32.06 1.94
N LEU E 236 19.53 -30.96 2.69
CA LEU E 236 18.40 -30.68 3.57
C LEU E 236 17.17 -30.22 2.79
N ILE E 237 17.37 -29.41 1.76
CA ILE E 237 16.24 -29.02 0.90
C ILE E 237 15.64 -30.25 0.24
N VAL E 238 16.47 -31.20 -0.17
CA VAL E 238 15.97 -32.43 -0.77
C VAL E 238 15.19 -33.24 0.26
N ARG E 239 15.66 -33.26 1.51
CA ARG E 239 14.93 -33.95 2.56
C ARG E 239 13.55 -33.33 2.77
N VAL E 240 13.48 -32.00 2.73
CA VAL E 240 12.18 -31.34 2.87
C VAL E 240 11.28 -31.68 1.68
N LEU E 241 11.83 -31.59 0.47
CA LEU E 241 11.01 -31.77 -0.72
C LEU E 241 10.50 -33.20 -0.87
N VAL E 242 11.34 -34.18 -0.52
CA VAL E 242 10.91 -35.57 -0.66
C VAL E 242 9.78 -35.88 0.31
N ARG E 243 9.84 -35.32 1.52
CA ARG E 243 8.76 -35.53 2.48
C ARG E 243 7.49 -34.81 2.04
N ALA E 244 7.60 -33.56 1.61
CA ALA E 244 6.42 -32.83 1.20
C ALA E 244 5.75 -33.47 -0.02
N HIS E 245 6.55 -33.84 -1.03
CA HIS E 245 6.01 -34.42 -2.25
C HIS E 245 5.44 -35.80 -2.00
N ARG E 246 5.91 -36.50 -0.97
CA ARG E 246 5.44 -37.85 -0.70
C ARG E 246 3.95 -37.86 -0.32
N HIS E 247 3.45 -36.76 0.24
CA HIS E 247 2.10 -36.71 0.78
C HIS E 247 1.16 -35.83 -0.03
N ARG E 248 1.54 -34.58 -0.27
CA ARG E 248 0.63 -33.61 -0.89
C ARG E 248 1.39 -32.63 -1.77
N ARG E 253 4.96 -32.18 -9.33
CA ARG E 253 5.75 -31.19 -10.05
C ARG E 253 7.12 -31.01 -9.41
N ARG E 254 7.26 -31.46 -8.17
CA ARG E 254 8.52 -31.31 -7.45
C ARG E 254 9.62 -32.22 -7.96
N GLN E 255 9.32 -33.12 -8.90
CA GLN E 255 10.39 -33.85 -9.58
C GLN E 255 11.33 -32.88 -10.28
N LYS E 256 10.77 -31.84 -10.91
CA LYS E 256 11.60 -30.82 -11.54
C LYS E 256 12.50 -30.14 -10.52
N ALA E 257 11.95 -29.80 -9.35
CA ALA E 257 12.75 -29.17 -8.32
C ALA E 257 13.88 -30.10 -7.86
N LEU E 258 13.57 -31.38 -7.66
CA LEU E 258 14.60 -32.31 -7.22
C LEU E 258 15.71 -32.42 -8.25
N ARG E 259 15.36 -32.53 -9.54
CA ARG E 259 16.40 -32.71 -10.54
C ARG E 259 17.17 -31.42 -10.79
N MET E 260 16.53 -30.26 -10.62
CA MET E 260 17.28 -29.00 -10.70
C MET E 260 18.27 -28.88 -9.55
N ILE E 261 17.85 -29.28 -8.34
CA ILE E 261 18.77 -29.22 -7.20
C ILE E 261 19.91 -30.20 -7.38
N LEU E 262 19.65 -31.36 -8.00
CA LEU E 262 20.73 -32.25 -8.35
C LEU E 262 21.66 -31.61 -9.37
N ALA E 263 21.10 -30.94 -10.38
CA ALA E 263 21.89 -30.38 -11.46
C ALA E 263 22.84 -29.31 -10.96
N VAL E 264 22.35 -28.42 -10.09
CA VAL E 264 23.19 -27.31 -9.64
C VAL E 264 24.42 -27.85 -8.90
N VAL E 265 24.20 -28.78 -7.96
CA VAL E 265 25.32 -29.29 -7.18
C VAL E 265 26.25 -30.12 -8.05
N LEU E 266 25.72 -30.93 -8.97
CA LEU E 266 26.58 -31.71 -9.84
C LEU E 266 27.43 -30.80 -10.73
N VAL E 267 26.84 -29.73 -11.26
CA VAL E 267 27.59 -28.80 -12.09
C VAL E 267 28.69 -28.14 -11.28
N PHE E 268 28.36 -27.65 -10.09
CA PHE E 268 29.38 -27.03 -9.25
C PHE E 268 30.54 -27.99 -8.99
N PHE E 269 30.21 -29.22 -8.57
CA PHE E 269 31.25 -30.20 -8.28
C PHE E 269 32.11 -30.46 -9.50
N VAL E 270 31.49 -30.78 -10.63
CA VAL E 270 32.25 -31.16 -11.83
C VAL E 270 33.12 -30.01 -12.30
N CYS E 271 32.59 -28.78 -12.29
CA CYS E 271 33.35 -27.66 -12.82
C CYS E 271 34.51 -27.27 -11.90
N TRP E 272 34.28 -27.24 -10.59
CA TRP E 272 35.29 -26.68 -9.69
C TRP E 272 36.26 -27.70 -9.12
N LEU E 273 35.92 -28.99 -9.10
CA LEU E 273 36.85 -29.96 -8.55
C LEU E 273 38.16 -30.04 -9.34
N PRO E 274 38.15 -30.11 -10.68
CA PRO E 274 39.43 -30.29 -11.40
C PRO E 274 40.45 -29.21 -11.13
N GLU E 275 40.04 -27.94 -11.14
CA GLU E 275 40.99 -26.85 -10.94
C GLU E 275 41.61 -26.93 -9.56
N ASN E 276 40.79 -27.17 -8.54
CA ASN E 276 41.31 -27.22 -7.18
C ASN E 276 42.19 -28.43 -6.96
N VAL E 277 41.85 -29.57 -7.55
CA VAL E 277 42.73 -30.73 -7.46
C VAL E 277 44.06 -30.45 -8.13
N PHE E 278 44.03 -29.80 -9.30
CA PHE E 278 45.26 -29.47 -9.99
C PHE E 278 46.13 -28.53 -9.15
N ILE E 279 45.50 -27.54 -8.52
CA ILE E 279 46.25 -26.61 -7.66
C ILE E 279 46.84 -27.36 -6.48
N SER E 280 46.04 -28.23 -5.86
CA SER E 280 46.52 -28.98 -4.70
C SER E 280 47.68 -29.91 -5.08
N VAL E 281 47.69 -30.40 -6.31
CA VAL E 281 48.80 -31.27 -6.74
C VAL E 281 50.11 -30.49 -6.71
N HIS E 282 50.10 -29.28 -7.25
CA HIS E 282 51.28 -28.42 -7.15
C HIS E 282 51.61 -28.12 -5.69
N LEU E 283 50.58 -27.80 -4.91
CA LEU E 283 50.80 -27.38 -3.53
C LEU E 283 51.40 -28.50 -2.69
N LEU E 284 51.13 -29.76 -3.04
CA LEU E 284 51.70 -30.89 -2.32
C LEU E 284 53.18 -31.08 -2.63
N GLN E 285 53.63 -30.68 -3.81
CA GLN E 285 55.02 -30.87 -4.21
C GLN E 285 55.96 -30.17 -3.24
N HIS E 300 51.04 -24.73 -14.67
CA HIS E 300 52.46 -24.50 -14.42
C HIS E 300 53.28 -25.73 -14.74
N ALA E 301 53.98 -25.70 -15.88
CA ALA E 301 54.82 -26.80 -16.34
C ALA E 301 54.01 -28.04 -16.70
N HIS E 302 52.68 -27.91 -16.79
CA HIS E 302 51.81 -29.00 -17.22
C HIS E 302 50.86 -28.52 -18.30
N PRO E 303 51.35 -28.40 -19.55
CA PRO E 303 50.66 -27.56 -20.54
C PRO E 303 49.17 -27.80 -20.70
N LEU E 304 48.76 -29.02 -21.06
CA LEU E 304 47.37 -29.26 -21.42
C LEU E 304 46.45 -29.33 -20.21
N THR E 305 46.94 -29.86 -19.08
CA THR E 305 46.09 -29.97 -17.89
C THR E 305 45.64 -28.59 -17.44
N GLY E 306 46.55 -27.61 -17.47
CA GLY E 306 46.18 -26.26 -17.09
C GLY E 306 45.03 -25.72 -17.92
N HIS E 307 45.13 -25.88 -19.24
CA HIS E 307 44.07 -25.40 -20.12
C HIS E 307 42.76 -26.13 -19.85
N ILE E 308 42.81 -27.45 -19.68
CA ILE E 308 41.58 -28.22 -19.47
C ILE E 308 40.90 -27.78 -18.18
N VAL E 309 41.67 -27.67 -17.10
CA VAL E 309 41.07 -27.27 -15.83
C VAL E 309 40.59 -25.82 -15.85
N ASN E 310 41.32 -24.92 -16.51
CA ASN E 310 40.83 -23.55 -16.61
C ASN E 310 39.50 -23.50 -17.38
N LEU E 311 39.41 -24.25 -18.47
CA LEU E 311 38.16 -24.30 -19.23
C LEU E 311 37.03 -24.87 -18.38
N ALA E 312 37.32 -25.91 -17.60
CA ALA E 312 36.32 -26.47 -16.72
C ALA E 312 35.84 -25.44 -15.71
N ALA E 313 36.78 -24.66 -15.15
CA ALA E 313 36.40 -23.64 -14.18
C ALA E 313 35.53 -22.56 -14.82
N PHE E 314 35.85 -22.16 -16.05
CA PHE E 314 35.05 -21.13 -16.71
C PHE E 314 33.69 -21.66 -17.14
N SER E 315 33.59 -22.98 -17.36
CA SER E 315 32.31 -23.56 -17.74
C SER E 315 31.25 -23.34 -16.68
N ASN E 316 31.65 -23.23 -15.41
CA ASN E 316 30.68 -22.99 -14.36
C ASN E 316 30.01 -21.63 -14.53
N SER E 317 30.81 -20.59 -14.79
CA SER E 317 30.24 -19.27 -15.05
C SER E 317 29.46 -19.24 -16.35
N CYS E 318 29.87 -20.04 -17.34
CA CYS E 318 29.10 -20.12 -18.57
C CYS E 318 27.73 -20.76 -18.35
N LEU E 319 27.68 -21.79 -17.50
CA LEU E 319 26.46 -22.58 -17.37
C LEU E 319 25.51 -22.04 -16.30
N ASN E 320 26.01 -21.25 -15.35
CA ASN E 320 25.14 -20.75 -14.28
C ASN E 320 23.89 -20.08 -14.81
N PRO E 321 23.94 -19.19 -15.80
CA PRO E 321 22.70 -18.61 -16.33
C PRO E 321 21.72 -19.66 -16.81
N LEU E 322 22.21 -20.77 -17.37
CA LEU E 322 21.34 -21.83 -17.85
C LEU E 322 20.64 -22.53 -16.69
N ILE E 323 21.40 -23.16 -15.81
CA ILE E 323 20.80 -24.00 -14.78
C ILE E 323 20.04 -23.16 -13.76
N TYR E 324 20.62 -22.05 -13.30
CA TYR E 324 20.02 -21.30 -12.20
C TYR E 324 18.86 -20.42 -12.62
N SER E 325 18.89 -19.82 -13.82
CA SER E 325 17.98 -18.73 -14.09
C SER E 325 16.88 -19.07 -15.08
N PHE E 326 17.22 -19.46 -16.32
CA PHE E 326 16.14 -19.60 -17.30
C PHE E 326 15.76 -21.04 -17.57
N LEU E 327 16.23 -22.00 -16.79
CA LEU E 327 15.68 -23.36 -16.85
C LEU E 327 14.38 -23.49 -16.06
N GLY E 328 13.99 -22.45 -15.33
CA GLY E 328 12.79 -22.47 -14.51
C GLY E 328 11.70 -21.61 -15.12
N GLU E 329 10.46 -21.90 -14.74
CA GLU E 329 9.32 -21.23 -15.36
C GLU E 329 9.27 -19.75 -15.00
N THR E 330 9.64 -19.40 -13.76
CA THR E 330 9.48 -18.03 -13.31
C THR E 330 10.26 -17.05 -14.19
N PHE E 331 11.55 -17.29 -14.38
CA PHE E 331 12.35 -16.37 -15.16
C PHE E 331 11.94 -16.39 -16.63
N ARG E 332 11.53 -17.54 -17.14
CA ARG E 332 11.08 -17.59 -18.53
C ARG E 332 9.82 -16.74 -18.73
N ASP E 333 8.89 -16.81 -17.78
CA ASP E 333 7.70 -15.95 -17.86
C ASP E 333 8.08 -14.48 -17.73
N LYS E 334 9.03 -14.16 -16.85
CA LYS E 334 9.49 -12.78 -16.74
C LYS E 334 10.13 -12.31 -18.05
N LEU E 335 10.89 -13.19 -18.72
CA LEU E 335 11.48 -12.84 -20.01
C LEU E 335 10.40 -12.61 -21.06
N ARG E 336 9.35 -13.44 -21.04
CA ARG E 336 8.23 -13.21 -21.96
C ARG E 336 7.59 -11.86 -21.70
N LEU E 337 7.42 -11.50 -20.43
CA LEU E 337 6.87 -10.19 -20.10
C LEU E 337 7.75 -9.07 -20.63
N TYR E 338 9.07 -9.20 -20.45
CA TYR E 338 9.99 -8.19 -20.96
C TYR E 338 9.90 -8.08 -22.47
N ILE E 339 9.85 -9.22 -23.16
CA ILE E 339 9.78 -9.21 -24.62
C ILE E 339 8.51 -8.52 -25.09
N GLU E 340 7.37 -8.87 -24.49
CA GLU E 340 6.11 -8.30 -24.92
C GLU E 340 6.03 -6.81 -24.62
N GLN E 341 6.45 -6.40 -23.42
CA GLN E 341 6.28 -5.01 -23.01
C GLN E 341 7.46 -4.13 -23.43
N LYS E 342 8.66 -4.68 -23.45
CA LYS E 342 9.85 -3.95 -23.89
C LYS E 342 10.64 -4.74 -24.93
#